data_6LEH
#
_entry.id   6LEH
#
_cell.length_a   61.507
_cell.length_b   94.145
_cell.length_c   75.556
_cell.angle_alpha   90.000
_cell.angle_beta   93.920
_cell.angle_gamma   90.000
#
_symmetry.space_group_name_H-M   'P 1 21 1'
#
loop_
_entity.id
_entity.type
_entity.pdbx_description
1 polymer 'Ectonucleotide pyrophosphatase/phosphodiesterase family member 2'
2 branched alpha-D-mannopyranose-(1-2)-alpha-D-mannopyranose-(1-3)-alpha-D-mannopyranose-(1-6)-alpha-D-mannopyranose-(1-4)-2-acetamido-2-deoxy-beta-D-glucopyranose-(1-4)-2-acetamido-2-deoxy-beta-D-glucopyranose
3 branched alpha-D-mannopyranose-(1-4)-2-acetamido-2-deoxy-beta-D-glucopyranose-(1-4)-2-acetamido-2-deoxy-beta-D-glucopyranose
4 non-polymer 'ZINC ION'
5 non-polymer 'CALCIUM ION'
6 non-polymer 'SODIUM ION'
7 non-polymer 'POTASSIUM ION'
8 non-polymer 'SULFATE ION'
9 non-polymer 'CHLORIDE ION'
10 non-polymer 1,2-ETHANEDIOL
11 non-polymer 'ethyl 2-[2-(4-chlorophenyl)-7-methyl-5-oxidanylidene-imidazo[1,2-a]pyrimidin-8-yl]ethanoate'
12 water water
#
_entity_poly.entity_id   1
_entity_poly.type   'polypeptide(L)'
_entity_poly.pdbx_seq_one_letter_code
;AEWDEGPPTVLSDSPWTNTSGSCKGRCFELQEVGPPDCRCDNLCKSYSSCCHDFDELCLKTARGWECTKDRCGEVRNEEN
ACHCSEDCLSRGDCCTNYQVVCKGESHWVDDDCEEIRVPECPAGFVRPPLIIFSVDGFRASYMKKGSKVMPNIEKLRSCG
THAPYMRPVYPTKTFPNLYTLATGLYPESHGIVGNSMYDPVFDATFHLRGREKFNHRWWGGQPLWITATKQGVRAGTFFW
SVSIPHERRILTILQWLSLPDNERPSVYAFYSEQPDFSGHKYGPFGPEMTNPLREIDKTVGQLMDGLKQLKLHRCVNVIF
VGDHGMEDVTCDRTEFLSNYLTNVDDITLVPGTLGRIRPKIPNNLKYDPKAIIANLTCKKPDQHFKPYMKQHLPKRLHYA
NNRRIEDLHLLVERRWHVARKPLDVYKKPSGKCFFQGDHGFDNKVNSMQTVFVGYGPTFKYRTKVPPFENIELYNVMCDL
LGLKPAPNNGTHGSLNHLLRTNTFRPTLPEEVSRPNYPGIMYLQSDFDLGCTCDDKVEPKNKLEELNKRLHTKGSTEERH
LLYGRPAVLYRTSYDILYHTDFESGYSEIFLMPLWTSYTISKQAEVSSIPEHLTNCVRPDVRVSPGFSQNCLAYKNDKQM
SYGFLFPPYLSSSPEAKYDAFLVTNMVPMYPAFKRVWTYFQRVLVKKYASERNGVNVISGPIFDYNYNGLRDIEDEIKQY
VEGSSIPVPTHYYSIITSCLDFTQPADKCDGPLSVSSFILPHRPDNDESCNSSEDESKWVEELMKMHTARVRDIEHLTGL
DFYRKTSRSYSEILTLKTYLHTYESEISRENLYFQ
;
_entity_poly.pdbx_strand_id   A
#
loop_
_chem_comp.id
_chem_comp.type
_chem_comp.name
_chem_comp.formula
CA non-polymer 'CALCIUM ION' 'Ca 2'
CL non-polymer 'CHLORIDE ION' 'Cl -1'
EAR non-polymer 'ethyl 2-[2-(4-chlorophenyl)-7-methyl-5-oxidanylidene-imidazo[1,2-a]pyrimidin-8-yl]ethanoate' 'C17 H16 Cl N3 O3'
EDO non-polymer 1,2-ETHANEDIOL 'C2 H6 O2'
K non-polymer 'POTASSIUM ION' 'K 1'
MAN D-saccharide, alpha linking alpha-D-mannopyranose 'C6 H12 O6'
NA non-polymer 'SODIUM ION' 'Na 1'
NAG D-saccharide, beta linking 2-acetamido-2-deoxy-beta-D-glucopyranose 'C8 H15 N O6'
SO4 non-polymer 'SULFATE ION' 'O4 S -2'
ZN non-polymer 'ZINC ION' 'Zn 2'
#
# COMPACT_ATOMS: atom_id res chain seq x y z
N THR A 17 2.43 36.48 30.91
CA THR A 17 1.40 36.76 29.93
C THR A 17 1.93 36.48 28.51
N ASN A 18 1.23 35.61 27.77
CA ASN A 18 1.62 35.06 26.46
C ASN A 18 3.10 34.69 26.35
N THR A 19 3.80 35.29 25.38
CA THR A 19 5.19 34.93 25.12
C THR A 19 6.10 35.18 26.31
N SER A 20 5.73 36.11 27.19
CA SER A 20 6.62 36.53 28.26
C SER A 20 6.72 35.52 29.40
N GLY A 21 5.95 34.42 29.35
CA GLY A 21 6.13 33.32 30.28
C GLY A 21 7.48 32.65 30.13
N SER A 22 7.80 31.69 30.99
CA SER A 22 9.10 31.05 30.95
C SER A 22 8.98 29.54 30.78
N CYS A 23 10.00 28.94 30.17
CA CYS A 23 10.09 27.50 30.00
C CYS A 23 10.90 26.82 31.11
N LYS A 24 11.34 27.57 32.12
CA LYS A 24 12.05 26.98 33.25
C LYS A 24 11.24 25.81 33.80
N GLY A 25 11.88 24.65 33.89
CA GLY A 25 11.17 23.47 34.35
C GLY A 25 10.06 22.98 33.45
N ARG A 26 10.03 23.39 32.17
CA ARG A 26 8.99 22.94 31.25
C ARG A 26 9.52 22.47 29.90
N CYS A 27 10.83 22.39 29.72
CA CYS A 27 11.37 22.05 28.40
C CYS A 27 10.80 20.74 27.88
N PHE A 28 10.28 20.79 26.65
CA PHE A 28 9.67 19.64 25.99
C PHE A 28 8.64 18.97 26.88
N GLU A 29 7.81 19.78 27.54
CA GLU A 29 6.74 19.27 28.36
C GLU A 29 5.76 18.49 27.49
N LEU A 30 5.16 17.46 28.07
CA LEU A 30 4.11 16.72 27.39
C LEU A 30 2.72 17.20 27.80
N GLN A 31 2.62 18.21 28.67
CA GLN A 31 1.35 18.87 28.92
C GLN A 31 0.76 19.45 27.64
N GLU A 32 -0.55 19.26 27.46
CA GLU A 32 -1.27 20.02 26.45
C GLU A 32 -1.47 21.45 26.97
N VAL A 33 -0.88 22.42 26.27
CA VAL A 33 -0.91 23.82 26.65
C VAL A 33 -1.29 24.64 25.43
N GLY A 34 -2.35 25.45 25.55
CA GLY A 34 -2.84 26.26 24.46
C GLY A 34 -2.93 27.73 24.82
N PRO A 35 -2.96 28.58 23.79
CA PRO A 35 -3.02 30.05 24.00
C PRO A 35 -4.07 30.43 25.02
N PRO A 36 -3.88 31.54 25.75
CA PRO A 36 -2.79 32.53 25.59
C PRO A 36 -1.45 32.15 26.22
N ASP A 37 -1.42 31.03 26.95
CA ASP A 37 -0.19 30.57 27.57
C ASP A 37 0.85 30.21 26.52
N CYS A 38 2.12 30.46 26.82
CA CYS A 38 3.21 30.11 25.90
C CYS A 38 3.66 28.67 26.15
N ARG A 39 4.17 28.04 25.10
CA ARG A 39 4.44 26.61 25.11
C ARG A 39 5.94 26.34 25.05
N CYS A 40 6.30 25.12 25.43
CA CYS A 40 7.70 24.72 25.44
C CYS A 40 7.86 23.32 24.87
N ASP A 41 6.93 22.91 24.01
CA ASP A 41 6.88 21.56 23.49
C ASP A 41 7.57 21.49 22.12
N ASN A 42 7.60 20.26 21.58
CA ASN A 42 8.14 19.91 20.27
C ASN A 42 7.77 20.88 19.17
N LEU A 43 6.51 21.32 19.14
CA LEU A 43 5.99 22.03 17.99
C LEU A 43 5.77 23.51 18.24
N CYS A 44 6.20 24.04 19.39
CA CYS A 44 5.88 25.43 19.69
C CYS A 44 6.44 26.36 18.62
N LYS A 45 7.66 26.10 18.13
CA LYS A 45 8.23 26.95 17.07
C LYS A 45 7.37 26.95 15.83
N SER A 46 6.81 25.80 15.45
CA SER A 46 5.99 25.72 14.24
C SER A 46 4.74 26.59 14.37
N TYR A 47 4.24 26.79 15.59
CA TYR A 47 3.08 27.63 15.85
C TYR A 47 3.45 29.04 16.28
N SER A 48 4.75 29.39 16.27
CA SER A 48 5.24 30.68 16.76
C SER A 48 4.66 31.02 18.13
N SER A 49 4.70 30.04 19.06
CA SER A 49 4.10 30.23 20.37
C SER A 49 5.01 29.82 21.52
N CYS A 50 6.33 29.77 21.30
CA CYS A 50 7.21 29.40 22.39
C CYS A 50 7.40 30.58 23.33
N CYS A 51 7.64 30.29 24.60
CA CYS A 51 8.07 31.33 25.52
C CYS A 51 9.37 31.96 25.02
N HIS A 52 9.57 33.23 25.40
CA HIS A 52 10.71 33.98 24.89
C HIS A 52 12.03 33.27 25.16
N ASP A 53 12.09 32.43 26.20
CA ASP A 53 13.33 31.79 26.59
C ASP A 53 13.37 30.29 26.26
N PHE A 54 12.46 29.81 25.41
CA PHE A 54 12.52 28.41 24.99
C PHE A 54 13.88 28.08 24.39
N ASP A 55 14.36 28.95 23.50
CA ASP A 55 15.60 28.68 22.78
C ASP A 55 16.77 28.54 23.75
N GLU A 56 16.90 29.48 24.69
CA GLU A 56 18.09 29.48 25.54
C GLU A 56 18.02 28.43 26.63
N LEU A 57 16.82 28.02 27.06
CA LEU A 57 16.68 27.00 28.09
C LEU A 57 16.54 25.59 27.53
N CYS A 58 15.84 25.42 26.41
CA CYS A 58 15.51 24.09 25.90
C CYS A 58 16.35 23.65 24.71
N LEU A 59 16.85 24.60 23.92
CA LEU A 59 17.70 24.29 22.77
C LEU A 59 19.16 24.55 23.08
N LYS A 60 19.62 24.12 24.25
CA LYS A 60 21.01 24.35 24.63
C LYS A 60 21.95 23.63 23.68
N THR A 61 23.03 24.31 23.33
CA THR A 61 24.00 23.78 22.38
C THR A 61 25.42 23.75 22.91
N ALA A 62 25.69 24.34 24.08
CA ALA A 62 27.06 24.57 24.53
C ALA A 62 27.82 23.26 24.67
N ARG A 63 29.00 23.21 24.06
CA ARG A 63 30.01 22.16 24.14
C ARG A 63 29.65 20.94 23.31
N GLY A 64 28.66 21.05 22.43
CA GLY A 64 28.38 19.96 21.50
C GLY A 64 27.63 18.81 22.15
N TRP A 65 27.70 17.64 21.51
CA TRP A 65 26.84 16.53 21.87
C TRP A 65 27.58 15.32 22.43
N GLU A 66 28.89 15.39 22.58
CA GLU A 66 29.67 14.23 23.02
C GLU A 66 30.54 14.61 24.21
N CYS A 67 30.59 13.70 25.19
CA CYS A 67 31.57 13.85 26.26
C CYS A 67 32.97 13.76 25.68
N THR A 68 33.89 14.51 26.26
CA THR A 68 35.31 14.35 26.02
C THR A 68 35.99 13.89 27.30
N LYS A 69 37.24 13.46 27.17
CA LYS A 69 37.98 12.99 28.35
C LYS A 69 38.10 14.08 29.40
N ASP A 70 38.39 15.31 28.98
CA ASP A 70 38.56 16.38 29.95
C ASP A 70 37.26 16.76 30.67
N ARG A 71 36.12 16.19 30.26
CA ARG A 71 34.85 16.54 30.86
C ARG A 71 34.39 15.55 31.92
N CYS A 72 34.99 14.36 31.98
CA CYS A 72 34.52 13.35 32.93
C CYS A 72 34.67 13.84 34.35
N GLY A 73 33.62 13.64 35.15
CA GLY A 73 33.61 14.14 36.51
C GLY A 73 33.57 15.65 36.63
N GLU A 74 33.13 16.36 35.59
CA GLU A 74 32.98 17.80 35.66
C GLU A 74 31.95 18.19 36.72
N VAL A 75 31.99 19.45 37.12
CA VAL A 75 30.90 20.03 37.89
C VAL A 75 29.81 20.44 36.93
N ARG A 76 28.57 20.02 37.21
CA ARG A 76 27.47 20.30 36.28
C ARG A 76 27.40 21.77 35.96
N ASN A 77 27.53 22.08 34.69
CA ASN A 77 27.26 23.40 34.12
C ASN A 77 25.92 23.27 33.40
N GLU A 78 24.88 23.92 33.93
CA GLU A 78 23.56 23.82 33.33
C GLU A 78 23.51 24.44 31.94
N GLU A 79 24.55 25.16 31.53
CA GLU A 79 24.57 25.74 30.19
C GLU A 79 24.92 24.73 29.11
N ASN A 80 25.44 23.57 29.46
CA ASN A 80 25.88 22.61 28.45
C ASN A 80 24.69 21.91 27.82
N ALA A 81 24.83 21.57 26.53
CA ALA A 81 23.78 20.85 25.82
C ALA A 81 23.48 19.50 26.48
N CYS A 82 24.52 18.75 26.85
CA CYS A 82 24.41 17.52 27.63
C CYS A 82 25.58 17.47 28.59
N HIS A 83 25.55 16.53 29.54
CA HIS A 83 26.42 16.58 30.70
C HIS A 83 27.24 15.30 30.84
N CYS A 84 28.43 15.44 31.44
CA CYS A 84 29.30 14.33 31.77
C CYS A 84 29.63 14.29 33.26
N SER A 85 28.82 14.97 34.07
CA SER A 85 28.96 14.98 35.52
C SER A 85 28.50 13.65 36.11
N GLU A 86 28.95 13.40 37.35
CA GLU A 86 28.68 12.12 38.00
C GLU A 86 27.18 11.87 38.15
N ASP A 87 26.40 12.93 38.37
CA ASP A 87 24.97 12.75 38.64
C ASP A 87 24.16 12.52 37.39
N CYS A 88 24.73 12.68 36.20
CA CYS A 88 23.93 12.83 35.00
C CYS A 88 23.09 11.59 34.72
N LEU A 89 23.55 10.42 35.15
CA LEU A 89 22.86 9.17 34.81
C LEU A 89 21.49 9.10 35.48
N SER A 90 21.40 9.50 36.75
CA SER A 90 20.13 9.50 37.46
C SER A 90 19.20 10.63 37.03
N ARG A 91 19.72 11.63 36.33
CA ARG A 91 18.88 12.72 35.80
C ARG A 91 18.50 12.53 34.34
N GLY A 92 19.02 11.51 33.68
CA GLY A 92 18.78 11.32 32.25
C GLY A 92 19.43 12.38 31.38
N ASP A 93 20.46 13.05 31.88
CA ASP A 93 21.05 14.25 31.27
C ASP A 93 22.33 13.98 30.49
N CYS A 94 22.87 12.76 30.56
CA CYS A 94 24.19 12.51 30.02
C CYS A 94 24.20 12.65 28.51
N CYS A 95 25.35 13.09 27.99
CA CYS A 95 25.66 12.83 26.58
C CYS A 95 25.63 11.33 26.36
N THR A 96 25.24 10.91 25.15
CA THR A 96 24.94 9.50 24.95
C THR A 96 26.20 8.63 24.94
N ASN A 97 27.38 9.25 24.81
CA ASN A 97 28.64 8.52 24.84
C ASN A 97 29.35 8.65 26.20
N TYR A 98 28.60 9.01 27.25
CA TYR A 98 29.23 9.33 28.54
C TYR A 98 29.97 8.11 29.10
N GLN A 99 29.30 6.97 29.21
CA GLN A 99 29.92 5.80 29.80
C GLN A 99 31.06 5.26 28.95
N VAL A 100 31.01 5.44 27.63
CA VAL A 100 32.12 5.03 26.79
C VAL A 100 33.35 5.87 27.11
N VAL A 101 33.18 7.18 27.21
CA VAL A 101 34.31 8.07 27.39
C VAL A 101 34.84 8.03 28.82
N CYS A 102 33.97 7.77 29.81
CA CYS A 102 34.33 7.96 31.21
C CYS A 102 34.28 6.70 32.08
N LYS A 103 33.52 5.67 31.70
CA LYS A 103 33.36 4.50 32.56
C LYS A 103 33.79 3.20 31.86
N GLY A 104 34.65 3.29 30.85
CA GLY A 104 35.20 2.10 30.23
C GLY A 104 34.21 1.22 29.51
N GLU A 105 33.10 1.79 29.03
CA GLU A 105 32.06 1.00 28.38
C GLU A 105 32.24 1.02 26.87
N SER A 106 31.60 0.06 26.21
CA SER A 106 31.69 -0.08 24.77
C SER A 106 30.48 0.56 24.10
N HIS A 107 30.70 1.12 22.92
CA HIS A 107 29.57 1.52 22.08
C HIS A 107 28.67 0.33 21.83
N TRP A 108 27.36 0.60 21.74
CA TRP A 108 26.42 -0.46 21.44
C TRP A 108 26.77 -1.19 20.15
N VAL A 109 27.24 -0.45 19.15
CA VAL A 109 27.49 -1.08 17.85
C VAL A 109 28.64 -2.08 17.93
N ASP A 110 29.59 -1.87 18.85
CA ASP A 110 30.72 -2.79 18.98
C ASP A 110 30.36 -4.04 19.77
N ASP A 111 29.17 -4.10 20.35
CA ASP A 111 28.77 -5.23 21.16
C ASP A 111 28.24 -6.35 20.29
N ASP A 112 28.74 -7.55 20.56
CA ASP A 112 28.28 -8.74 19.85
C ASP A 112 26.78 -8.87 19.96
N CYS A 113 26.19 -9.36 18.89
CA CYS A 113 24.74 -9.52 18.83
C CYS A 113 24.28 -10.68 19.70
N GLU A 114 23.14 -10.50 20.37
CA GLU A 114 22.61 -11.54 21.24
C GLU A 114 21.09 -11.50 21.23
N GLU A 115 20.46 -12.66 21.01
CA GLU A 115 19.02 -12.74 20.93
C GLU A 115 18.36 -12.18 22.19
N ILE A 116 17.44 -11.24 22.01
CA ILE A 116 16.61 -10.75 23.10
C ILE A 116 15.36 -11.63 23.10
N ARG A 117 15.38 -12.66 23.96
CA ARG A 117 14.28 -13.62 24.01
C ARG A 117 13.08 -13.07 24.78
N VAL A 118 13.31 -12.28 25.81
CA VAL A 118 12.23 -11.61 26.55
C VAL A 118 12.68 -10.21 26.90
N PRO A 119 11.74 -9.30 27.11
CA PRO A 119 12.11 -7.94 27.50
C PRO A 119 12.90 -7.97 28.81
N GLU A 120 14.07 -7.33 28.81
CA GLU A 120 14.90 -7.15 29.99
C GLU A 120 14.81 -5.67 30.36
N CYS A 121 13.77 -5.33 31.08
CA CYS A 121 13.46 -3.96 31.43
C CYS A 121 13.70 -3.72 32.92
N PRO A 122 14.10 -2.50 33.31
CA PRO A 122 14.16 -2.17 34.74
C PRO A 122 12.79 -2.28 35.38
N ALA A 123 12.79 -2.35 36.72
CA ALA A 123 11.53 -2.39 37.44
C ALA A 123 10.77 -1.10 37.20
N GLY A 124 9.45 -1.19 37.20
CA GLY A 124 8.62 -0.08 36.85
C GLY A 124 8.21 -0.04 35.39
N PHE A 125 8.86 -0.81 34.53
CA PHE A 125 8.50 -0.87 33.11
C PHE A 125 7.51 -2.01 32.91
N VAL A 126 6.25 -1.66 32.72
CA VAL A 126 5.20 -2.66 32.55
C VAL A 126 5.31 -3.33 31.19
N ARG A 127 5.79 -2.63 30.19
CA ARG A 127 5.80 -3.15 28.84
C ARG A 127 6.99 -2.58 28.10
N PRO A 128 7.42 -3.21 27.02
CA PRO A 128 8.48 -2.64 26.20
C PRO A 128 8.01 -1.35 25.55
N PRO A 129 8.69 -0.23 25.77
CA PRO A 129 8.39 0.97 24.99
C PRO A 129 8.61 0.73 23.50
N LEU A 130 7.86 1.45 22.68
CA LEU A 130 8.04 1.40 21.22
C LEU A 130 8.63 2.71 20.74
N ILE A 131 9.73 2.66 19.99
CA ILE A 131 10.35 3.84 19.39
C ILE A 131 10.33 3.69 17.88
N ILE A 132 9.67 4.64 17.20
CA ILE A 132 9.55 4.66 15.75
C ILE A 132 10.60 5.62 15.23
N PHE A 133 11.57 5.11 14.48
CA PHE A 133 12.66 5.94 13.98
C PHE A 133 12.39 6.08 12.48
N SER A 134 11.78 7.19 12.08
CA SER A 134 11.39 7.35 10.68
C SER A 134 12.41 8.21 9.96
N VAL A 135 12.74 7.80 8.73
CA VAL A 135 13.75 8.48 7.94
C VAL A 135 13.12 8.81 6.59
N ASP A 136 13.12 10.08 6.23
CA ASP A 136 12.51 10.54 5.01
C ASP A 136 13.36 10.18 3.80
N GLY A 137 12.74 9.54 2.79
CA GLY A 137 13.41 9.31 1.53
C GLY A 137 14.50 8.26 1.52
N PHE A 138 14.43 7.29 2.45
CA PHE A 138 15.44 6.24 2.58
C PHE A 138 15.09 5.10 1.63
N ARG A 139 15.65 5.18 0.43
CA ARG A 139 15.54 4.14 -0.58
C ARG A 139 16.02 2.81 -0.05
N ALA A 140 15.27 1.74 -0.33
CA ALA A 140 15.60 0.43 0.23
C ALA A 140 17.01 0.01 -0.14
N SER A 141 17.44 0.32 -1.36
CA SER A 141 18.75 -0.14 -1.81
C SER A 141 19.91 0.60 -1.13
N TYR A 142 19.65 1.72 -0.44
CA TYR A 142 20.70 2.33 0.40
C TYR A 142 21.22 1.33 1.42
N MET A 143 20.38 0.38 1.84
CA MET A 143 20.78 -0.65 2.80
C MET A 143 22.00 -1.42 2.31
N LYS A 144 22.16 -1.56 1.00
CA LYS A 144 23.27 -2.33 0.45
C LYS A 144 24.62 -1.70 0.73
N LYS A 145 24.65 -0.42 1.10
CA LYS A 145 25.91 0.22 1.47
C LYS A 145 26.39 -0.21 2.85
N GLY A 146 25.63 -1.08 3.52
CA GLY A 146 26.08 -1.91 4.62
C GLY A 146 26.83 -1.26 5.76
N SER A 147 27.54 -2.10 6.52
CA SER A 147 28.23 -1.69 7.74
C SER A 147 29.38 -0.75 7.47
N LYS A 148 29.90 -0.72 6.25
CA LYS A 148 30.93 0.25 5.91
C LYS A 148 30.43 1.67 6.15
N VAL A 149 29.19 1.94 5.76
CA VAL A 149 28.67 3.29 5.83
C VAL A 149 27.78 3.47 7.05
N MET A 150 26.99 2.46 7.40
CA MET A 150 25.97 2.57 8.43
C MET A 150 26.06 1.38 9.40
N PRO A 151 27.11 1.34 10.23
CA PRO A 151 27.31 0.18 11.12
C PRO A 151 26.20 -0.01 12.13
N ASN A 152 25.66 1.07 12.71
CA ASN A 152 24.57 0.92 13.67
C ASN A 152 23.32 0.37 13.00
N ILE A 153 22.97 0.91 11.83
CA ILE A 153 21.78 0.45 11.15
C ILE A 153 21.95 -1.00 10.69
N GLU A 154 23.17 -1.35 10.27
CA GLU A 154 23.45 -2.71 9.86
C GLU A 154 23.29 -3.68 11.01
N LYS A 155 23.71 -3.31 12.22
CA LYS A 155 23.51 -4.20 13.36
C LYS A 155 22.02 -4.38 13.64
N LEU A 156 21.26 -3.29 13.62
CA LEU A 156 19.81 -3.38 13.74
C LEU A 156 19.24 -4.33 12.68
N ARG A 157 19.64 -4.14 11.42
CA ARG A 157 19.09 -4.90 10.32
C ARG A 157 19.47 -6.38 10.42
N SER A 158 20.74 -6.66 10.71
CA SER A 158 21.19 -8.04 10.69
C SER A 158 20.78 -8.79 11.93
N CYS A 159 20.73 -8.13 13.10
CA CYS A 159 20.31 -8.85 14.31
C CYS A 159 18.81 -8.95 14.46
N GLY A 160 18.06 -7.98 13.94
CA GLY A 160 16.62 -7.93 14.12
C GLY A 160 15.87 -8.59 12.99
N THR A 161 14.66 -8.08 12.73
CA THR A 161 13.74 -8.55 11.70
C THR A 161 13.73 -7.52 10.59
N HIS A 162 14.03 -7.94 9.36
CA HIS A 162 14.03 -6.96 8.27
C HIS A 162 13.30 -7.52 7.05
N ALA A 163 12.77 -6.61 6.27
CA ALA A 163 12.23 -6.93 4.95
C ALA A 163 13.22 -6.43 3.91
N PRO A 164 13.28 -7.01 2.70
CA PRO A 164 14.15 -6.39 1.71
C PRO A 164 13.67 -5.01 1.29
N TYR A 165 12.37 -4.74 1.38
CA TYR A 165 11.85 -3.40 1.14
C TYR A 165 10.43 -3.34 1.65
N MET A 166 9.95 -2.12 1.84
CA MET A 166 8.57 -1.87 2.20
C MET A 166 7.95 -0.97 1.13
N ARG A 167 6.76 -1.37 0.64
CA ARG A 167 6.04 -0.64 -0.39
C ARG A 167 5.28 0.54 0.23
N PRO A 168 5.51 1.74 -0.25
CA PRO A 168 4.75 2.90 0.23
C PRO A 168 3.39 2.96 -0.47
N VAL A 169 2.56 3.93 -0.08
CA VAL A 169 1.31 4.19 -0.80
C VAL A 169 1.59 5.20 -1.90
N TYR A 170 0.69 5.25 -2.87
CA TYR A 170 0.64 6.25 -3.91
C TYR A 170 -0.20 7.45 -3.45
N PRO A 171 0.24 8.70 -3.69
CA PRO A 171 1.51 9.01 -4.37
C PRO A 171 2.68 8.87 -3.43
N THR A 172 3.86 8.52 -3.93
CA THR A 172 4.97 8.16 -3.05
C THR A 172 5.70 9.43 -2.59
N LYS A 173 4.93 10.26 -1.86
CA LYS A 173 5.35 11.51 -1.25
C LYS A 173 5.22 11.40 0.27
N THR A 174 5.83 12.37 0.95
CA THR A 174 6.04 12.30 2.41
C THR A 174 4.73 12.34 3.19
N PHE A 175 3.95 13.41 3.03
CA PHE A 175 2.77 13.55 3.88
C PHE A 175 1.73 12.45 3.68
N PRO A 176 1.42 12.01 2.46
CA PRO A 176 0.54 10.84 2.34
C PRO A 176 1.10 9.60 3.01
N ASN A 177 2.42 9.38 2.95
CA ASN A 177 2.92 8.10 3.43
C ASN A 177 3.08 8.09 4.95
N LEU A 178 3.50 9.19 5.54
CA LEU A 178 3.67 9.18 6.99
C LEU A 178 2.32 9.20 7.70
N TYR A 179 1.32 9.86 7.13
CA TYR A 179 0.01 9.74 7.75
C TYR A 179 -0.59 8.36 7.49
N THR A 180 -0.26 7.73 6.35
CA THR A 180 -0.67 6.34 6.17
C THR A 180 -0.02 5.45 7.21
N LEU A 181 1.29 5.63 7.41
CA LEU A 181 1.99 4.88 8.46
C LEU A 181 1.26 5.02 9.79
N ALA A 182 0.82 6.24 10.12
CA ALA A 182 0.24 6.49 11.43
C ALA A 182 -1.19 5.99 11.56
N THR A 183 -1.88 5.67 10.45
CA THR A 183 -3.32 5.38 10.51
C THR A 183 -3.71 4.01 9.98
N GLY A 184 -2.86 3.34 9.19
CA GLY A 184 -3.25 2.14 8.51
C GLY A 184 -4.17 2.34 7.32
N LEU A 185 -4.32 3.58 6.86
CA LEU A 185 -5.33 3.91 5.86
C LEU A 185 -4.70 4.35 4.53
N TYR A 186 -5.40 4.05 3.44
CA TYR A 186 -5.06 4.65 2.17
C TYR A 186 -5.30 6.15 2.21
N PRO A 187 -4.47 6.92 1.51
CA PRO A 187 -4.70 8.38 1.40
C PRO A 187 -6.12 8.77 1.03
N GLU A 188 -6.79 8.04 0.13
CA GLU A 188 -8.15 8.41 -0.26
C GLU A 188 -9.09 8.36 0.94
N SER A 189 -8.75 7.53 1.95
CA SER A 189 -9.55 7.41 3.16
C SER A 189 -9.12 8.37 4.27
N HIS A 190 -7.81 8.55 4.52
CA HIS A 190 -7.44 9.48 5.59
C HIS A 190 -7.42 10.94 5.17
N GLY A 191 -7.42 11.23 3.87
CA GLY A 191 -7.62 12.59 3.39
C GLY A 191 -6.38 13.31 2.92
N ILE A 192 -5.19 12.84 3.30
CA ILE A 192 -3.94 13.50 2.89
C ILE A 192 -3.52 12.83 1.59
N VAL A 193 -4.20 13.21 0.50
CA VAL A 193 -3.94 12.59 -0.80
C VAL A 193 -2.77 13.21 -1.53
N GLY A 194 -2.12 14.21 -0.96
CA GLY A 194 -0.91 14.77 -1.57
C GLY A 194 -0.20 15.66 -0.57
N ASN A 195 1.02 16.05 -0.95
CA ASN A 195 1.69 17.10 -0.19
C ASN A 195 0.99 18.45 -0.42
N SER A 196 0.37 18.64 -1.57
CA SER A 196 -0.51 19.77 -1.87
C SER A 196 -1.87 19.23 -2.26
N MET A 197 -2.94 19.91 -1.82
CA MET A 197 -4.29 19.49 -2.20
C MET A 197 -5.22 20.68 -2.25
N TYR A 198 -6.25 20.58 -3.08
CA TYR A 198 -7.34 21.55 -3.10
C TYR A 198 -8.60 20.81 -2.70
N ASP A 199 -9.27 21.30 -1.66
CA ASP A 199 -10.55 20.73 -1.28
C ASP A 199 -11.68 21.61 -1.81
N PRO A 200 -12.51 21.12 -2.72
CA PRO A 200 -13.51 22.00 -3.34
C PRO A 200 -14.68 22.32 -2.43
N VAL A 201 -14.94 21.50 -1.41
CA VAL A 201 -15.97 21.85 -0.42
C VAL A 201 -15.45 22.90 0.54
N PHE A 202 -14.20 22.79 1.01
CA PHE A 202 -13.62 23.88 1.78
C PHE A 202 -13.32 25.11 0.93
N ASP A 203 -13.17 24.93 -0.38
CA ASP A 203 -12.52 25.90 -1.27
C ASP A 203 -11.25 26.46 -0.61
N ALA A 204 -10.35 25.54 -0.29
CA ALA A 204 -9.12 25.89 0.39
C ALA A 204 -8.02 24.94 -0.06
N THR A 205 -6.78 25.38 0.10
CA THR A 205 -5.62 24.70 -0.44
C THR A 205 -4.67 24.34 0.69
N PHE A 206 -4.37 23.05 0.80
CA PHE A 206 -3.40 22.50 1.74
C PHE A 206 -2.02 22.53 1.11
N HIS A 207 -1.02 23.04 1.85
CA HIS A 207 0.36 23.13 1.38
C HIS A 207 1.32 22.77 2.52
N LEU A 208 2.49 22.24 2.15
CA LEU A 208 3.54 22.00 3.13
C LEU A 208 3.95 23.28 3.84
N ARG A 209 4.18 24.34 3.07
CA ARG A 209 4.45 25.65 3.65
C ARG A 209 3.16 26.27 4.15
N GLY A 210 3.25 26.99 5.25
CA GLY A 210 2.11 27.79 5.68
C GLY A 210 1.29 27.12 6.76
N ARG A 211 0.16 27.77 7.07
CA ARG A 211 -0.59 27.49 8.28
C ARG A 211 -1.78 26.56 8.07
N GLU A 212 -2.29 26.46 6.84
CA GLU A 212 -3.53 25.73 6.61
C GLU A 212 -3.43 24.28 7.05
N LYS A 213 -2.25 23.66 6.85
CA LYS A 213 -2.07 22.24 7.19
C LYS A 213 -2.31 21.96 8.66
N PHE A 214 -2.18 22.96 9.54
CA PHE A 214 -2.44 22.76 10.96
C PHE A 214 -3.93 22.67 11.28
N ASN A 215 -4.81 22.96 10.35
CA ASN A 215 -6.24 22.83 10.62
C ASN A 215 -6.65 21.36 10.66
N HIS A 216 -7.38 20.96 11.71
CA HIS A 216 -7.71 19.56 11.88
C HIS A 216 -8.68 19.03 10.82
N ARG A 217 -9.38 19.91 10.10
CA ARG A 217 -10.38 19.45 9.13
C ARG A 217 -9.74 18.64 8.00
N TRP A 218 -8.44 18.73 7.80
CA TRP A 218 -7.82 17.96 6.72
C TRP A 218 -7.60 16.49 7.09
N TRP A 219 -7.45 16.19 8.38
CA TRP A 219 -6.82 14.94 8.82
C TRP A 219 -7.90 13.96 9.28
N GLY A 220 -8.09 12.88 8.52
CA GLY A 220 -9.06 11.85 8.84
C GLY A 220 -8.47 10.63 9.54
N GLY A 221 -9.33 9.66 9.78
CA GLY A 221 -8.87 8.45 10.43
C GLY A 221 -8.52 8.69 11.89
N GLN A 222 -7.84 7.71 12.48
CA GLN A 222 -7.40 7.82 13.86
C GLN A 222 -5.94 7.42 13.93
N PRO A 223 -5.03 8.38 14.04
CA PRO A 223 -3.59 8.06 14.02
C PRO A 223 -3.18 7.37 15.32
N LEU A 224 -1.99 6.75 15.27
CA LEU A 224 -1.56 5.90 16.37
C LEU A 224 -1.53 6.66 17.70
N TRP A 225 -1.09 7.93 17.69
CA TRP A 225 -0.97 8.63 18.97
C TRP A 225 -2.34 8.88 19.59
N ILE A 226 -3.37 8.99 18.76
CA ILE A 226 -4.71 9.16 19.27
C ILE A 226 -5.27 7.83 19.74
N THR A 227 -5.10 6.77 18.95
CA THR A 227 -5.52 5.44 19.39
C THR A 227 -4.92 5.11 20.77
N ALA A 228 -3.64 5.40 20.94
CA ALA A 228 -2.99 5.07 22.19
C ALA A 228 -3.60 5.88 23.33
N THR A 229 -3.69 7.20 23.17
CA THR A 229 -4.21 8.04 24.23
C THR A 229 -5.62 7.60 24.64
N LYS A 230 -6.47 7.35 23.64
CA LYS A 230 -7.85 6.99 23.96
C LYS A 230 -7.94 5.65 24.66
N GLN A 231 -6.92 4.79 24.53
CA GLN A 231 -6.90 3.52 25.23
C GLN A 231 -5.97 3.54 26.44
N GLY A 232 -5.55 4.73 26.89
CA GLY A 232 -4.83 4.84 28.15
C GLY A 232 -3.34 4.56 28.09
N VAL A 233 -2.75 4.63 26.89
CA VAL A 233 -1.32 4.45 26.71
C VAL A 233 -0.73 5.79 26.28
N ARG A 234 0.28 6.25 27.02
CA ARG A 234 0.82 7.59 26.82
C ARG A 234 1.84 7.63 25.69
N ALA A 235 1.71 8.63 24.82
CA ALA A 235 2.61 8.85 23.70
C ALA A 235 3.46 10.08 23.96
N GLY A 236 4.74 10.02 23.63
CA GLY A 236 5.49 11.23 23.41
C GLY A 236 5.04 11.92 22.14
N THR A 237 5.38 13.19 22.00
CA THR A 237 5.02 13.92 20.78
C THR A 237 5.85 13.39 19.61
N PHE A 238 5.17 12.95 18.54
CA PHE A 238 5.85 12.37 17.39
C PHE A 238 6.53 13.39 16.49
N PHE A 239 6.12 14.66 16.58
CA PHE A 239 6.49 15.67 15.60
C PHE A 239 7.51 16.64 16.18
N TRP A 240 8.39 17.15 15.32
CA TRP A 240 9.52 17.96 15.75
C TRP A 240 9.69 19.15 14.81
N SER A 241 9.71 20.36 15.37
CA SER A 241 9.94 21.55 14.56
C SER A 241 11.31 21.45 13.91
N VAL A 242 11.42 21.97 12.70
CA VAL A 242 12.59 21.64 11.89
C VAL A 242 13.86 22.23 12.49
N SER A 243 13.74 23.26 13.33
CA SER A 243 14.92 23.85 13.93
C SER A 243 15.44 23.07 15.15
N ILE A 244 14.67 22.12 15.68
CA ILE A 244 15.22 21.27 16.74
C ILE A 244 16.24 20.32 16.13
N PRO A 245 17.52 20.43 16.47
CA PRO A 245 18.50 19.51 15.88
C PRO A 245 18.27 18.07 16.29
N HIS A 246 18.74 17.14 15.44
CA HIS A 246 18.44 15.72 15.64
C HIS A 246 18.99 15.22 16.97
N GLU A 247 20.18 15.69 17.37
CA GLU A 247 20.75 15.29 18.65
C GLU A 247 19.81 15.65 19.80
N ARG A 248 19.20 16.83 19.73
CA ARG A 248 18.26 17.25 20.76
C ARG A 248 17.00 16.39 20.75
N ARG A 249 16.54 15.96 19.56
CA ARG A 249 15.40 15.05 19.52
C ARG A 249 15.73 13.76 20.24
N ILE A 250 16.91 13.19 19.96
CA ILE A 250 17.34 11.97 20.65
C ILE A 250 17.42 12.20 22.16
N LEU A 251 18.13 13.25 22.59
CA LEU A 251 18.23 13.51 24.03
C LEU A 251 16.87 13.69 24.67
N THR A 252 15.91 14.29 23.95
CA THR A 252 14.59 14.50 24.51
C THR A 252 13.86 13.18 24.72
N ILE A 253 13.90 12.28 23.72
CA ILE A 253 13.31 10.96 23.87
C ILE A 253 13.93 10.22 25.05
N LEU A 254 15.25 10.28 25.15
CA LEU A 254 15.94 9.61 26.24
C LEU A 254 15.56 10.21 27.59
N GLN A 255 15.40 11.53 27.67
CA GLN A 255 14.98 12.15 28.92
C GLN A 255 13.55 11.77 29.28
N TRP A 256 12.66 11.66 28.27
CA TRP A 256 11.31 11.20 28.54
C TRP A 256 11.32 9.77 29.06
N LEU A 257 12.21 8.91 28.53
CA LEU A 257 12.28 7.54 29.01
C LEU A 257 12.77 7.44 30.44
N SER A 258 13.46 8.47 30.94
CA SER A 258 13.93 8.59 32.32
C SER A 258 12.87 9.14 33.28
N LEU A 259 11.70 9.49 32.77
CA LEU A 259 10.66 10.09 33.59
C LEU A 259 10.19 9.12 34.67
N PRO A 260 9.52 9.61 35.70
CA PRO A 260 8.89 8.70 36.67
C PRO A 260 7.86 7.80 36.01
N ASP A 261 7.59 6.67 36.67
CA ASP A 261 6.65 5.69 36.13
C ASP A 261 5.28 6.28 35.78
N ASN A 262 4.78 7.24 36.57
CA ASN A 262 3.46 7.77 36.29
C ASN A 262 3.44 8.86 35.24
N GLU A 263 4.57 9.16 34.61
CA GLU A 263 4.61 10.12 33.52
C GLU A 263 5.22 9.59 32.23
N ARG A 264 5.94 8.49 32.27
CA ARG A 264 6.78 8.08 31.16
C ARG A 264 5.92 7.56 30.00
N PRO A 265 6.07 8.10 28.80
CA PRO A 265 5.31 7.57 27.65
C PRO A 265 5.74 6.15 27.30
N SER A 266 4.84 5.46 26.59
CA SER A 266 5.15 4.12 26.10
C SER A 266 5.51 4.07 24.63
N VAL A 267 5.22 5.12 23.86
CA VAL A 267 5.49 5.11 22.42
C VAL A 267 6.07 6.45 22.04
N TYR A 268 7.09 6.41 21.18
CA TYR A 268 7.90 7.57 20.83
C TYR A 268 8.14 7.55 19.33
N ALA A 269 8.44 8.73 18.78
CA ALA A 269 8.79 8.82 17.37
C ALA A 269 9.89 9.85 17.20
N PHE A 270 10.88 9.47 16.42
CA PHE A 270 11.90 10.36 15.92
C PHE A 270 11.70 10.48 14.42
N TYR A 271 12.02 11.64 13.88
CA TYR A 271 11.90 11.85 12.44
C TYR A 271 13.15 12.56 11.95
N SER A 272 13.59 12.18 10.76
CA SER A 272 14.72 12.83 10.11
C SER A 272 14.31 13.25 8.71
N GLU A 273 14.61 14.49 8.35
CA GLU A 273 14.37 14.98 7.00
C GLU A 273 15.35 14.39 5.99
N GLN A 274 16.43 13.77 6.46
CA GLN A 274 17.39 13.07 5.61
C GLN A 274 17.08 11.58 5.57
N PRO A 275 17.45 10.87 4.50
CA PRO A 275 18.23 11.42 3.39
C PRO A 275 17.43 11.99 2.21
N ASP A 276 16.15 12.32 2.41
CA ASP A 276 15.34 12.93 1.35
C ASP A 276 16.00 14.18 0.78
N PHE A 277 16.41 15.09 1.67
CA PHE A 277 16.94 16.39 1.22
C PHE A 277 18.14 16.23 0.30
N SER A 278 19.14 15.48 0.75
CA SER A 278 20.31 15.27 -0.10
C SER A 278 19.97 14.43 -1.32
N GLY A 279 19.04 13.48 -1.18
CA GLY A 279 18.56 12.76 -2.34
C GLY A 279 18.02 13.66 -3.43
N HIS A 280 17.23 14.67 -3.06
CA HIS A 280 16.72 15.61 -4.06
C HIS A 280 17.85 16.36 -4.75
N LYS A 281 18.86 16.78 -3.97
CA LYS A 281 19.93 17.60 -4.52
C LYS A 281 20.89 16.78 -5.38
N TYR A 282 21.25 15.58 -4.94
CA TYR A 282 22.32 14.82 -5.57
C TYR A 282 21.86 13.57 -6.31
N GLY A 283 20.60 13.20 -6.23
CA GLY A 283 20.15 11.95 -6.83
C GLY A 283 20.57 10.76 -6.00
N PRO A 284 19.84 9.65 -6.15
CA PRO A 284 20.04 8.51 -5.22
C PRO A 284 21.41 7.88 -5.29
N PHE A 285 22.12 8.01 -6.40
CA PHE A 285 23.43 7.37 -6.54
C PHE A 285 24.57 8.38 -6.58
N GLY A 286 24.32 9.61 -6.16
CA GLY A 286 25.36 10.60 -6.07
C GLY A 286 26.33 10.24 -4.96
N PRO A 287 27.63 10.46 -5.18
CA PRO A 287 28.60 10.21 -4.10
C PRO A 287 28.33 11.05 -2.89
N GLU A 288 27.63 12.16 -3.04
CA GLU A 288 27.30 12.97 -1.88
C GLU A 288 26.35 12.25 -0.91
N MET A 289 25.76 11.12 -1.31
CA MET A 289 24.75 10.48 -0.47
C MET A 289 25.36 9.76 0.73
N THR A 290 26.66 9.44 0.67
CA THR A 290 27.29 8.73 1.78
C THR A 290 27.24 9.56 3.05
N ASN A 291 27.36 10.87 2.92
CA ASN A 291 27.53 11.68 4.12
C ASN A 291 26.21 11.83 4.90
N PRO A 292 25.07 12.18 4.28
CA PRO A 292 23.80 12.05 5.02
C PRO A 292 23.55 10.65 5.55
N LEU A 293 23.90 9.60 4.81
CA LEU A 293 23.71 8.25 5.33
C LEU A 293 24.57 7.99 6.57
N ARG A 294 25.82 8.49 6.59
CA ARG A 294 26.65 8.35 7.78
C ARG A 294 26.04 9.11 8.96
N GLU A 295 25.56 10.33 8.71
CA GLU A 295 24.98 11.14 9.79
C GLU A 295 23.76 10.46 10.39
N ILE A 296 22.90 9.86 9.56
CA ILE A 296 21.75 9.14 10.11
C ILE A 296 22.19 7.97 10.97
N ASP A 297 23.19 7.24 10.51
CA ASP A 297 23.67 6.12 11.31
C ASP A 297 24.23 6.60 12.65
N LYS A 298 24.92 7.74 12.64
CA LYS A 298 25.42 8.29 13.89
C LYS A 298 24.26 8.59 14.85
N THR A 299 23.16 9.16 14.33
CA THR A 299 21.98 9.43 15.15
C THR A 299 21.40 8.13 15.70
N VAL A 300 21.34 7.09 14.87
CA VAL A 300 20.91 5.79 15.36
C VAL A 300 21.84 5.31 16.49
N GLY A 301 23.15 5.51 16.31
CA GLY A 301 24.10 5.12 17.35
C GLY A 301 23.95 5.90 18.63
N GLN A 302 23.66 7.20 18.52
CA GLN A 302 23.39 7.99 19.72
C GLN A 302 22.18 7.46 20.46
N LEU A 303 21.11 7.09 19.73
CA LEU A 303 19.94 6.54 20.39
C LEU A 303 20.27 5.24 21.12
N MET A 304 20.98 4.33 20.44
CA MET A 304 21.21 3.01 21.02
C MET A 304 22.21 3.08 22.17
N ASP A 305 23.24 3.91 22.04
CA ASP A 305 24.13 4.17 23.17
C ASP A 305 23.37 4.74 24.35
N GLY A 306 22.48 5.70 24.10
CA GLY A 306 21.65 6.25 25.15
C GLY A 306 20.78 5.20 25.82
N LEU A 307 20.18 4.32 25.02
CA LEU A 307 19.35 3.27 25.59
C LEU A 307 20.20 2.31 26.42
N LYS A 308 21.42 2.04 25.96
CA LYS A 308 22.33 1.19 26.74
C LYS A 308 22.64 1.83 28.08
N GLN A 309 22.96 3.13 28.07
CA GLN A 309 23.24 3.85 29.31
C GLN A 309 22.04 3.83 30.25
N LEU A 310 20.84 3.72 29.71
CA LEU A 310 19.64 3.64 30.52
C LEU A 310 19.29 2.22 30.91
N LYS A 311 20.12 1.25 30.49
CA LYS A 311 19.79 -0.16 30.61
C LYS A 311 18.46 -0.48 29.94
N LEU A 312 18.23 0.08 28.75
CA LEU A 312 16.99 -0.16 28.01
C LEU A 312 17.21 -0.80 26.65
N HIS A 313 18.45 -1.09 26.26
CA HIS A 313 18.73 -1.57 24.91
C HIS A 313 18.23 -2.97 24.65
N ARG A 314 17.82 -3.70 25.69
CA ARG A 314 17.24 -5.03 25.54
C ARG A 314 15.82 -5.04 26.05
N CYS A 315 15.20 -3.86 26.04
CA CYS A 315 13.88 -3.65 26.58
C CYS A 315 12.94 -2.91 25.61
N VAL A 316 13.48 -2.20 24.64
CA VAL A 316 12.72 -1.31 23.77
C VAL A 316 12.53 -1.99 22.42
N ASN A 317 11.34 -1.89 21.85
CA ASN A 317 11.16 -2.21 20.45
C ASN A 317 11.44 -0.96 19.61
N VAL A 318 12.33 -1.10 18.63
CA VAL A 318 12.71 -0.04 17.72
C VAL A 318 12.24 -0.40 16.32
N ILE A 319 11.57 0.54 15.65
CA ILE A 319 11.19 0.36 14.26
C ILE A 319 11.95 1.40 13.45
N PHE A 320 12.66 0.95 12.44
CA PHE A 320 13.42 1.82 11.56
C PHE A 320 12.72 1.75 10.21
N VAL A 321 12.10 2.86 9.83
CA VAL A 321 11.12 2.82 8.74
C VAL A 321 11.26 4.08 7.89
N GLY A 322 11.16 3.91 6.57
CA GLY A 322 11.16 5.02 5.64
C GLY A 322 9.75 5.28 5.12
N ASP A 323 9.58 6.44 4.49
CA ASP A 323 8.28 6.73 3.91
C ASP A 323 8.22 6.53 2.38
N HIS A 324 9.35 6.52 1.68
CA HIS A 324 9.41 6.35 0.24
C HIS A 324 10.88 6.38 -0.17
N GLY A 325 11.13 6.07 -1.43
CA GLY A 325 12.45 6.04 -2.00
C GLY A 325 12.80 7.31 -2.74
N MET A 326 13.61 7.17 -3.78
CA MET A 326 14.19 8.32 -4.48
C MET A 326 14.70 7.81 -5.83
N GLU A 327 14.43 8.57 -6.88
CA GLU A 327 14.75 8.18 -8.25
C GLU A 327 15.60 9.28 -8.87
N ASP A 328 16.38 8.93 -9.92
CA ASP A 328 17.09 9.96 -10.69
C ASP A 328 16.09 10.72 -11.56
N VAL A 329 15.94 12.01 -11.29
CA VAL A 329 15.02 12.88 -12.02
C VAL A 329 15.73 14.23 -12.19
N THR A 330 15.89 14.69 -13.43
CA THR A 330 16.51 15.99 -13.68
C THR A 330 15.63 16.85 -14.59
N CYS A 331 16.00 18.15 -14.65
CA CYS A 331 15.29 19.12 -15.47
C CYS A 331 15.20 18.68 -16.93
N ASP A 332 16.21 17.99 -17.43
CA ASP A 332 16.25 17.61 -18.83
C ASP A 332 15.18 16.60 -19.21
N ARG A 333 14.55 15.94 -18.23
CA ARG A 333 13.49 14.97 -18.53
C ARG A 333 12.16 15.49 -18.01
N THR A 334 11.69 16.60 -18.57
CA THR A 334 10.42 17.20 -18.22
C THR A 334 9.52 17.20 -19.45
N GLU A 335 8.33 16.59 -19.35
CA GLU A 335 7.27 16.77 -20.34
C GLU A 335 6.49 18.04 -20.02
N PHE A 336 6.11 18.79 -21.06
CA PHE A 336 5.36 20.02 -20.87
C PHE A 336 3.97 19.89 -21.49
N LEU A 337 2.93 20.14 -20.69
CA LEU A 337 1.57 20.08 -21.23
C LEU A 337 1.35 21.07 -22.37
N SER A 338 2.13 22.15 -22.43
CA SER A 338 1.95 23.11 -23.50
C SER A 338 2.34 22.55 -24.88
N ASN A 339 3.03 21.41 -24.94
CA ASN A 339 3.26 20.74 -26.21
C ASN A 339 2.05 19.96 -26.71
N TYR A 340 1.05 19.77 -25.86
CA TYR A 340 -0.15 19.00 -26.16
C TYR A 340 -1.42 19.84 -26.13
N LEU A 341 -1.49 20.84 -25.27
CA LEU A 341 -2.69 21.59 -24.98
C LEU A 341 -2.48 23.04 -25.38
N THR A 342 -3.56 23.71 -25.79
CA THR A 342 -3.43 25.05 -26.35
C THR A 342 -3.36 26.13 -25.27
N ASN A 343 -4.17 26.06 -24.23
CA ASN A 343 -4.26 27.16 -23.26
C ASN A 343 -3.95 26.65 -21.85
N VAL A 344 -2.69 26.29 -21.60
CA VAL A 344 -2.36 25.71 -20.30
C VAL A 344 -2.46 26.72 -19.18
N ASP A 345 -2.48 28.02 -19.49
CA ASP A 345 -2.65 28.98 -18.41
C ASP A 345 -4.05 28.92 -17.80
N ASP A 346 -5.00 28.23 -18.44
CA ASP A 346 -6.34 28.06 -17.88
C ASP A 346 -6.47 26.87 -16.93
N ILE A 347 -5.44 26.05 -16.77
CA ILE A 347 -5.55 24.91 -15.86
C ILE A 347 -4.54 25.09 -14.74
N THR A 348 -4.83 24.41 -13.62
CA THR A 348 -3.87 24.25 -12.54
C THR A 348 -3.40 22.80 -12.54
N LEU A 349 -2.09 22.61 -12.42
CA LEU A 349 -1.46 21.30 -12.43
C LEU A 349 -0.67 21.08 -11.15
N VAL A 350 -0.99 20.02 -10.42
CA VAL A 350 -0.05 19.53 -9.41
C VAL A 350 1.02 18.79 -10.21
N PRO A 351 2.28 19.25 -10.22
CA PRO A 351 3.22 18.79 -11.24
C PRO A 351 4.28 17.86 -10.68
N GLY A 352 5.28 17.53 -11.49
CA GLY A 352 6.42 16.75 -11.05
C GLY A 352 6.29 15.29 -11.40
N THR A 353 6.31 14.42 -10.39
CA THR A 353 6.36 12.99 -10.61
C THR A 353 4.97 12.37 -10.68
N LEU A 354 3.94 13.20 -10.55
CA LEU A 354 2.57 12.83 -10.84
C LEU A 354 1.92 14.09 -11.37
N GLY A 355 0.74 13.92 -11.94
CA GLY A 355 -0.03 15.05 -12.40
C GLY A 355 -1.46 14.99 -11.92
N ARG A 356 -1.95 16.10 -11.40
CA ARG A 356 -3.37 16.26 -11.10
C ARG A 356 -3.79 17.58 -11.74
N ILE A 357 -4.85 17.54 -12.52
CA ILE A 357 -5.26 18.67 -13.33
C ILE A 357 -6.65 19.12 -12.90
N ARG A 358 -6.85 20.41 -12.77
CA ARG A 358 -8.16 21.01 -12.57
C ARG A 358 -8.12 22.39 -13.21
N PRO A 359 -9.29 22.96 -13.54
CA PRO A 359 -9.29 24.33 -14.06
C PRO A 359 -8.73 25.31 -13.04
N LYS A 360 -7.96 26.27 -13.52
CA LYS A 360 -7.38 27.28 -12.64
C LYS A 360 -8.45 28.05 -11.88
N ILE A 361 -9.59 28.27 -12.51
CA ILE A 361 -10.74 28.88 -11.84
C ILE A 361 -11.67 27.75 -11.42
N PRO A 362 -11.94 27.59 -10.13
CA PRO A 362 -12.76 26.45 -9.70
C PRO A 362 -14.12 26.48 -10.40
N ASN A 363 -14.57 25.31 -10.83
CA ASN A 363 -15.86 25.15 -11.48
C ASN A 363 -16.01 25.97 -12.75
N ASN A 364 -14.89 26.35 -13.38
CA ASN A 364 -14.95 27.06 -14.66
C ASN A 364 -15.72 26.23 -15.66
N LEU A 365 -16.76 26.84 -16.23
CA LEU A 365 -17.69 26.08 -17.07
C LEU A 365 -17.08 25.67 -18.41
N LYS A 366 -16.06 26.38 -18.90
CA LYS A 366 -15.39 26.05 -20.16
C LYS A 366 -14.38 24.92 -20.06
N TYR A 367 -14.04 24.48 -18.84
CA TYR A 367 -13.14 23.35 -18.65
C TYR A 367 -13.66 22.10 -19.35
N ASP A 368 -12.82 21.50 -20.19
CA ASP A 368 -13.24 20.42 -21.11
C ASP A 368 -12.32 19.21 -20.93
N PRO A 369 -12.50 18.43 -19.86
CA PRO A 369 -11.54 17.35 -19.57
C PRO A 369 -11.48 16.26 -20.64
N LYS A 370 -12.58 15.94 -21.32
CA LYS A 370 -12.53 14.93 -22.37
C LYS A 370 -11.69 15.38 -23.56
N ALA A 371 -11.73 16.67 -23.88
CA ALA A 371 -10.85 17.21 -24.92
C ALA A 371 -9.39 17.27 -24.44
N ILE A 372 -9.17 17.65 -23.18
CA ILE A 372 -7.81 17.63 -22.64
C ILE A 372 -7.26 16.22 -22.71
N ILE A 373 -8.00 15.25 -22.18
CA ILE A 373 -7.52 13.87 -22.19
C ILE A 373 -7.23 13.41 -23.61
N ALA A 374 -8.11 13.75 -24.57
CA ALA A 374 -7.88 13.35 -25.96
C ALA A 374 -6.54 13.88 -26.47
N ASN A 375 -6.23 15.15 -26.20
CA ASN A 375 -4.96 15.70 -26.64
C ASN A 375 -3.75 15.12 -25.90
N LEU A 376 -3.96 14.39 -24.81
CA LEU A 376 -2.87 13.83 -24.03
C LEU A 376 -2.72 12.33 -24.22
N THR A 377 -3.57 11.70 -25.03
CA THR A 377 -3.55 10.25 -25.18
C THR A 377 -2.71 9.87 -26.39
N CYS A 378 -1.60 9.18 -26.13
CA CYS A 378 -0.78 8.55 -27.17
C CYS A 378 -0.47 9.52 -28.31
N LYS A 379 0.03 10.71 -27.96
CA LYS A 379 0.36 11.70 -28.97
C LYS A 379 1.83 11.74 -29.34
N LYS A 380 2.71 11.16 -28.53
CA LYS A 380 4.09 10.98 -28.91
C LYS A 380 4.44 9.51 -28.74
N PRO A 381 5.28 8.96 -29.61
CA PRO A 381 5.64 7.54 -29.46
C PRO A 381 6.44 7.26 -28.21
N ASP A 382 7.20 8.23 -27.72
CA ASP A 382 7.98 8.04 -26.49
C ASP A 382 7.39 8.81 -25.31
N GLN A 383 6.07 9.02 -25.31
CA GLN A 383 5.39 9.82 -24.30
C GLN A 383 5.69 9.32 -22.88
N HIS A 384 6.11 10.23 -22.00
CA HIS A 384 6.59 9.84 -20.69
C HIS A 384 5.56 10.04 -19.57
N PHE A 385 4.28 10.04 -19.92
CA PHE A 385 3.21 10.01 -18.93
C PHE A 385 1.97 9.44 -19.61
N LYS A 386 0.97 9.10 -18.82
CA LYS A 386 -0.28 8.62 -19.39
C LYS A 386 -1.44 9.26 -18.64
N PRO A 387 -2.40 9.84 -19.36
CA PRO A 387 -3.56 10.43 -18.68
C PRO A 387 -4.56 9.34 -18.31
N TYR A 388 -5.18 9.53 -17.15
CA TYR A 388 -6.24 8.66 -16.65
C TYR A 388 -7.33 9.52 -16.03
N MET A 389 -8.58 9.21 -16.32
CA MET A 389 -9.62 9.54 -15.35
C MET A 389 -9.42 8.67 -14.12
N LYS A 390 -9.65 9.24 -12.93
CA LYS A 390 -9.17 8.58 -11.73
C LYS A 390 -9.83 7.23 -11.51
N GLN A 391 -11.09 7.07 -11.96
CA GLN A 391 -11.70 5.75 -11.86
C GLN A 391 -11.05 4.72 -12.77
N HIS A 392 -10.22 5.13 -13.72
CA HIS A 392 -9.54 4.19 -14.61
C HIS A 392 -8.13 3.84 -14.15
N LEU A 393 -7.61 4.52 -13.14
CA LEU A 393 -6.32 4.19 -12.57
C LEU A 393 -6.33 2.74 -12.07
N PRO A 394 -5.16 2.08 -12.10
CA PRO A 394 -5.06 0.74 -11.52
C PRO A 394 -5.68 0.69 -10.13
N LYS A 395 -6.49 -0.34 -9.89
CA LYS A 395 -7.21 -0.44 -8.61
C LYS A 395 -6.25 -0.60 -7.43
N ARG A 396 -5.09 -1.24 -7.64
CA ARG A 396 -4.13 -1.44 -6.57
C ARG A 396 -3.67 -0.11 -5.95
N LEU A 397 -3.76 0.99 -6.70
CA LEU A 397 -3.37 2.31 -6.19
C LEU A 397 -4.37 2.84 -5.17
N HIS A 398 -5.62 2.38 -5.24
CA HIS A 398 -6.67 2.86 -4.33
C HIS A 398 -6.73 4.37 -4.29
N TYR A 399 -6.65 5.01 -5.45
CA TYR A 399 -6.45 6.46 -5.50
C TYR A 399 -7.59 7.13 -6.27
N ALA A 400 -8.80 7.11 -5.72
CA ALA A 400 -9.88 7.78 -6.43
C ALA A 400 -11.02 8.27 -5.56
N ASN A 401 -11.27 7.63 -4.41
CA ASN A 401 -12.50 7.89 -3.65
C ASN A 401 -12.28 9.02 -2.64
N ASN A 402 -12.07 10.23 -3.16
CA ASN A 402 -11.92 11.40 -2.32
C ASN A 402 -12.14 12.64 -3.18
N ARG A 403 -12.86 13.62 -2.64
CA ARG A 403 -13.12 14.84 -3.40
C ARG A 403 -11.86 15.65 -3.67
N ARG A 404 -10.76 15.38 -2.97
CA ARG A 404 -9.53 16.14 -3.15
C ARG A 404 -8.67 15.57 -4.26
N ILE A 405 -9.06 14.45 -4.85
CA ILE A 405 -8.33 13.85 -5.95
C ILE A 405 -9.04 14.29 -7.22
N GLU A 406 -8.34 15.08 -8.02
CA GLU A 406 -8.89 15.56 -9.27
C GLU A 406 -9.31 14.40 -10.19
N ASP A 407 -10.36 14.63 -10.98
CA ASP A 407 -10.82 13.62 -11.94
C ASP A 407 -9.72 13.23 -12.90
N LEU A 408 -8.96 14.22 -13.39
CA LEU A 408 -7.92 13.98 -14.39
C LEU A 408 -6.58 13.78 -13.70
N HIS A 409 -5.92 12.68 -14.01
CA HIS A 409 -4.65 12.31 -13.39
C HIS A 409 -3.66 11.96 -14.47
N LEU A 410 -2.38 12.23 -14.21
CA LEU A 410 -1.32 11.78 -15.08
C LEU A 410 -0.39 10.89 -14.28
N LEU A 411 -0.24 9.66 -14.73
CA LEU A 411 0.78 8.76 -14.21
C LEU A 411 2.05 9.02 -14.97
N VAL A 412 3.11 9.42 -14.26
CA VAL A 412 4.36 9.85 -14.89
C VAL A 412 5.34 8.67 -14.90
N GLU A 413 6.04 8.51 -16.01
CA GLU A 413 7.05 7.44 -16.11
C GLU A 413 8.21 7.72 -15.15
N ARG A 414 8.72 6.66 -14.54
CA ARG A 414 9.87 6.79 -13.65
C ARG A 414 10.97 7.55 -14.36
N ARG A 415 11.64 8.45 -13.62
CA ARG A 415 12.79 9.27 -14.01
C ARG A 415 12.37 10.54 -14.72
N TRP A 416 11.07 10.78 -14.93
CA TRP A 416 10.57 11.95 -15.64
C TRP A 416 9.71 12.85 -14.76
N HIS A 417 9.52 14.08 -15.22
CA HIS A 417 8.63 15.07 -14.62
C HIS A 417 7.61 15.48 -15.66
N VAL A 418 6.47 16.00 -15.20
CA VAL A 418 5.53 16.70 -16.07
C VAL A 418 5.35 18.09 -15.49
N ALA A 419 5.27 19.09 -16.38
CA ALA A 419 5.07 20.48 -15.99
C ALA A 419 4.09 21.11 -16.96
N ARG A 420 3.52 22.26 -16.55
CA ARG A 420 2.56 22.94 -17.42
C ARG A 420 3.23 23.47 -18.69
N LYS A 421 4.35 24.19 -18.54
CA LYS A 421 4.98 24.87 -19.66
C LYS A 421 6.42 25.20 -19.28
N PRO A 422 7.27 25.47 -20.27
CA PRO A 422 8.70 25.67 -19.97
C PRO A 422 8.99 26.87 -19.10
N LEU A 423 8.11 27.87 -19.05
CA LEU A 423 8.31 28.95 -18.09
C LEU A 423 8.32 28.46 -16.64
N ASP A 424 7.96 27.19 -16.39
CA ASP A 424 8.03 26.57 -15.07
C ASP A 424 9.35 25.82 -14.82
N VAL A 425 10.23 25.72 -15.82
CA VAL A 425 11.51 25.04 -15.66
C VAL A 425 12.68 25.93 -16.13
N CYS A 433 20.90 21.43 -13.67
CA CYS A 433 20.05 22.27 -12.83
C CYS A 433 20.15 21.85 -11.38
N PHE A 434 19.21 22.32 -10.56
CA PHE A 434 19.44 22.29 -9.12
C PHE A 434 19.09 20.96 -8.45
N PHE A 435 18.23 20.14 -9.05
CA PHE A 435 17.88 18.87 -8.42
C PHE A 435 18.25 17.71 -9.34
N GLN A 436 18.55 16.57 -8.73
CA GLN A 436 18.86 15.36 -9.46
C GLN A 436 18.05 14.15 -8.99
N GLY A 437 17.22 14.30 -7.95
CA GLY A 437 16.38 13.21 -7.49
C GLY A 437 14.98 13.70 -7.20
N ASP A 438 14.04 12.77 -7.22
CA ASP A 438 12.67 13.05 -6.81
C ASP A 438 11.95 11.72 -6.70
N HIS A 439 10.71 11.81 -6.21
CA HIS A 439 9.90 10.65 -5.86
C HIS A 439 8.44 11.07 -6.00
N GLY A 440 7.54 10.10 -6.00
CA GLY A 440 6.13 10.44 -6.17
C GLY A 440 5.46 9.44 -7.07
N PHE A 441 6.28 8.66 -7.78
CA PHE A 441 5.83 7.77 -8.84
C PHE A 441 4.97 6.63 -8.29
N ASP A 442 4.32 5.93 -9.22
CA ASP A 442 3.69 4.62 -9.01
C ASP A 442 4.40 3.84 -7.91
N ASN A 443 3.68 3.40 -6.87
CA ASN A 443 4.31 2.81 -5.69
C ASN A 443 4.83 1.39 -5.92
N LYS A 444 4.70 0.82 -7.11
CA LYS A 444 5.40 -0.43 -7.41
C LYS A 444 6.75 -0.22 -8.12
N VAL A 445 7.10 1.02 -8.45
CA VAL A 445 8.42 1.30 -9.03
C VAL A 445 9.51 1.00 -7.99
N ASN A 446 10.56 0.30 -8.43
CA ASN A 446 11.57 -0.20 -7.49
C ASN A 446 12.26 0.94 -6.75
N SER A 447 12.56 2.04 -7.43
CA SER A 447 13.28 3.13 -6.78
C SER A 447 12.43 3.81 -5.71
N MET A 448 11.11 3.63 -5.73
CA MET A 448 10.22 4.17 -4.71
C MET A 448 10.14 3.31 -3.46
N GLN A 449 10.68 2.09 -3.48
CA GLN A 449 10.57 1.23 -2.32
C GLN A 449 11.45 1.76 -1.19
N THR A 450 11.00 1.51 0.04
CA THR A 450 11.68 2.07 1.20
C THR A 450 12.01 0.95 2.19
N VAL A 451 12.39 1.29 3.44
CA VAL A 451 13.01 0.31 4.33
C VAL A 451 12.10 0.00 5.51
N PHE A 452 12.24 -1.24 6.00
CA PHE A 452 11.70 -1.61 7.31
C PHE A 452 12.67 -2.54 8.03
N VAL A 453 12.97 -2.18 9.28
CA VAL A 453 13.73 -3.00 10.22
C VAL A 453 13.01 -2.94 11.54
N GLY A 454 12.78 -4.11 12.15
CA GLY A 454 12.26 -4.19 13.50
C GLY A 454 13.30 -4.82 14.41
N TYR A 455 13.59 -4.18 15.55
CA TYR A 455 14.60 -4.69 16.48
C TYR A 455 14.04 -4.57 17.88
N GLY A 456 14.08 -5.65 18.63
CA GLY A 456 13.68 -5.62 20.01
C GLY A 456 13.11 -6.93 20.50
N PRO A 457 12.70 -6.97 21.76
CA PRO A 457 12.22 -8.24 22.33
C PRO A 457 11.03 -8.84 21.61
N THR A 458 10.12 -8.03 21.05
CA THR A 458 8.94 -8.61 20.42
C THR A 458 9.17 -8.98 18.96
N PHE A 459 10.25 -8.51 18.34
CA PHE A 459 10.57 -8.91 16.99
C PHE A 459 11.40 -10.19 16.99
N LYS A 460 11.39 -10.88 15.86
CA LYS A 460 12.22 -12.07 15.72
C LYS A 460 13.69 -11.66 15.66
N TYR A 461 14.55 -12.64 15.87
CA TYR A 461 15.99 -12.45 15.87
C TYR A 461 16.53 -12.98 14.54
N ARG A 462 17.40 -12.19 13.88
CA ARG A 462 18.07 -12.59 12.63
C ARG A 462 17.09 -13.18 11.60
N THR A 463 16.01 -12.47 11.33
CA THR A 463 14.96 -12.99 10.45
C THR A 463 14.68 -12.02 9.31
N LYS A 464 14.58 -12.56 8.09
CA LYS A 464 14.15 -11.77 6.94
C LYS A 464 12.72 -12.16 6.59
N VAL A 465 11.90 -11.18 6.26
CA VAL A 465 10.49 -11.38 5.96
C VAL A 465 10.24 -10.83 4.57
N PRO A 466 9.21 -11.29 3.86
CA PRO A 466 8.96 -10.78 2.52
C PRO A 466 8.60 -9.29 2.58
N PRO A 467 8.78 -8.54 1.50
CA PRO A 467 8.35 -7.15 1.48
C PRO A 467 6.85 -7.05 1.72
N PHE A 468 6.44 -5.96 2.34
CA PHE A 468 5.03 -5.74 2.67
C PHE A 468 4.72 -4.26 2.51
N GLU A 469 3.44 -3.92 2.59
CA GLU A 469 2.97 -2.55 2.38
C GLU A 469 2.89 -1.79 3.70
N ASN A 470 3.19 -0.48 3.64
CA ASN A 470 3.22 0.32 4.85
C ASN A 470 1.85 0.44 5.52
N ILE A 471 0.75 0.24 4.79
CA ILE A 471 -0.58 0.22 5.42
C ILE A 471 -0.72 -0.87 6.47
N GLU A 472 0.15 -1.88 6.45
CA GLU A 472 0.04 -2.97 7.40
C GLU A 472 0.62 -2.63 8.78
N LEU A 473 1.43 -1.58 8.88
CA LEU A 473 2.22 -1.36 10.09
C LEU A 473 1.39 -0.83 11.26
N TYR A 474 0.33 -0.07 10.99
CA TYR A 474 -0.49 0.44 12.10
C TYR A 474 -1.04 -0.70 12.96
N ASN A 475 -1.48 -1.82 12.36
CA ASN A 475 -1.97 -2.94 13.18
C ASN A 475 -0.86 -3.50 14.07
N VAL A 476 0.36 -3.62 13.53
CA VAL A 476 1.50 -4.18 14.26
C VAL A 476 1.92 -3.29 15.42
N MET A 477 2.01 -1.98 15.17
CA MET A 477 2.35 -1.06 16.26
C MET A 477 1.30 -1.10 17.35
N CYS A 478 0.03 -1.26 16.97
CA CYS A 478 -1.03 -1.45 17.95
C CYS A 478 -0.80 -2.74 18.75
N ASP A 479 -0.53 -3.85 18.05
CA ASP A 479 -0.14 -5.09 18.73
C ASP A 479 1.06 -4.86 19.67
N LEU A 480 2.11 -4.20 19.20
CA LEU A 480 3.27 -3.95 20.05
C LEU A 480 2.94 -3.14 21.28
N LEU A 481 1.80 -2.46 21.29
CA LEU A 481 1.45 -1.60 22.41
C LEU A 481 0.25 -2.12 23.21
N GLY A 482 -0.28 -3.29 22.85
CA GLY A 482 -1.49 -3.76 23.49
C GLY A 482 -2.75 -3.03 23.08
N LEU A 483 -2.76 -2.38 21.91
CA LEU A 483 -3.88 -1.53 21.54
C LEU A 483 -4.81 -2.25 20.57
N LYS A 484 -6.08 -1.85 20.61
CA LYS A 484 -7.04 -2.30 19.60
C LYS A 484 -7.05 -1.31 18.46
N PRO A 485 -6.67 -1.70 17.25
CA PRO A 485 -6.61 -0.74 16.15
C PRO A 485 -7.99 -0.26 15.73
N ALA A 486 -8.07 1.02 15.36
CA ALA A 486 -9.23 1.55 14.69
C ALA A 486 -9.35 0.90 13.31
N PRO A 487 -10.54 0.92 12.70
CA PRO A 487 -10.70 0.26 11.39
C PRO A 487 -9.74 0.84 10.36
N ASN A 488 -9.02 -0.02 9.67
CA ASN A 488 -8.04 0.47 8.71
C ASN A 488 -7.92 -0.51 7.56
N ASN A 489 -6.96 -0.26 6.65
CA ASN A 489 -6.83 -1.04 5.43
C ASN A 489 -5.78 -2.13 5.51
N GLY A 490 -5.02 -2.21 6.60
CA GLY A 490 -4.22 -3.39 6.83
C GLY A 490 -5.10 -4.63 6.95
N THR A 491 -4.48 -5.78 6.82
CA THR A 491 -5.13 -7.07 7.05
C THR A 491 -4.52 -7.64 8.33
N HIS A 492 -5.25 -7.48 9.44
CA HIS A 492 -4.67 -7.78 10.75
C HIS A 492 -4.29 -9.25 10.84
N GLY A 493 -3.01 -9.51 11.08
CA GLY A 493 -2.47 -10.87 11.12
C GLY A 493 -1.56 -11.22 9.96
N SER A 494 -1.63 -10.46 8.86
CA SER A 494 -0.73 -10.74 7.74
C SER A 494 0.73 -10.47 8.08
N LEU A 495 1.02 -9.77 9.19
CA LEU A 495 2.40 -9.53 9.64
C LEU A 495 2.72 -10.26 10.95
N ASN A 496 1.95 -11.28 11.32
CA ASN A 496 2.28 -12.04 12.52
C ASN A 496 3.67 -12.65 12.44
N HIS A 497 4.14 -12.95 11.23
CA HIS A 497 5.44 -13.62 11.10
C HIS A 497 6.62 -12.70 11.40
N LEU A 498 6.39 -11.40 11.65
CA LEU A 498 7.47 -10.51 12.05
C LEU A 498 7.77 -10.60 13.55
N LEU A 499 6.88 -11.20 14.31
CA LEU A 499 6.81 -11.04 15.76
C LEU A 499 7.10 -12.36 16.48
N ARG A 500 7.88 -12.26 17.57
CA ARG A 500 8.14 -13.39 18.44
C ARG A 500 6.90 -13.76 19.27
N THR A 501 6.12 -12.75 19.65
CA THR A 501 4.93 -12.92 20.47
C THR A 501 4.07 -11.67 20.27
N ASN A 502 3.03 -11.51 21.09
CA ASN A 502 2.02 -10.46 20.94
C ASN A 502 1.33 -10.55 19.59
N THR A 503 1.33 -11.74 18.99
CA THR A 503 0.65 -11.94 17.71
C THR A 503 -0.86 -11.80 17.89
N PHE A 504 -1.53 -11.47 16.80
CA PHE A 504 -2.97 -11.34 16.77
C PHE A 504 -3.53 -12.63 16.23
N ARG A 505 -4.46 -13.23 16.95
CA ARG A 505 -5.04 -14.47 16.45
C ARG A 505 -6.22 -14.17 15.55
N PRO A 506 -6.04 -14.22 14.23
CA PRO A 506 -7.15 -13.88 13.34
C PRO A 506 -8.17 -15.00 13.30
N THR A 507 -9.43 -14.64 13.05
CA THR A 507 -10.49 -15.62 12.88
C THR A 507 -11.21 -15.38 11.56
N LEU A 508 -11.33 -16.43 10.77
CA LEU A 508 -12.06 -16.51 9.51
C LEU A 508 -13.40 -15.77 9.62
N PRO A 509 -13.78 -14.97 8.63
CA PRO A 509 -15.13 -14.38 8.65
C PRO A 509 -16.17 -15.44 8.36
N GLU A 510 -17.40 -15.17 8.79
CA GLU A 510 -18.47 -16.14 8.66
C GLU A 510 -19.19 -15.97 7.32
N GLU A 511 -19.38 -17.07 6.60
CA GLU A 511 -20.26 -17.07 5.45
C GLU A 511 -21.59 -16.42 5.79
N VAL A 512 -22.09 -15.59 4.89
CA VAL A 512 -23.38 -14.95 5.09
C VAL A 512 -24.45 -15.56 4.20
N SER A 513 -24.09 -16.05 3.01
CA SER A 513 -25.02 -16.68 2.10
C SER A 513 -24.49 -18.06 1.74
N ARG A 514 -25.36 -19.06 1.87
CA ARG A 514 -24.99 -20.42 1.56
C ARG A 514 -25.44 -20.75 0.13
N PRO A 515 -24.77 -21.68 -0.54
CA PRO A 515 -25.12 -21.97 -1.93
C PRO A 515 -26.15 -23.08 -2.10
N ASN A 516 -26.88 -22.99 -3.20
CA ASN A 516 -27.70 -24.09 -3.68
C ASN A 516 -26.88 -24.97 -4.60
N TYR A 517 -27.33 -26.20 -4.79
CA TYR A 517 -26.68 -27.16 -5.68
C TYR A 517 -27.71 -27.72 -6.65
N PRO A 518 -28.21 -26.89 -7.57
CA PRO A 518 -29.38 -27.30 -8.38
C PRO A 518 -29.05 -28.42 -9.35
N GLY A 519 -29.99 -29.34 -9.50
CA GLY A 519 -29.97 -30.33 -10.56
C GLY A 519 -30.73 -29.87 -11.79
N ILE A 520 -31.30 -30.85 -12.52
CA ILE A 520 -31.94 -30.59 -13.80
C ILE A 520 -33.42 -30.28 -13.62
N MET A 521 -33.73 -29.13 -13.02
CA MET A 521 -35.13 -28.78 -12.76
C MET A 521 -35.92 -28.43 -14.02
N TYR A 522 -35.29 -28.36 -15.20
CA TYR A 522 -35.94 -27.82 -16.39
C TYR A 522 -35.55 -28.64 -17.62
N LEU A 523 -36.05 -28.21 -18.78
CA LEU A 523 -35.76 -28.83 -20.07
C LEU A 523 -35.60 -27.73 -21.12
N GLN A 524 -34.85 -28.05 -22.19
CA GLN A 524 -34.51 -27.08 -23.21
C GLN A 524 -35.73 -26.34 -23.76
N SER A 525 -36.91 -26.96 -23.67
CA SER A 525 -38.15 -26.35 -24.16
C SER A 525 -38.63 -25.21 -23.27
N ASP A 526 -38.27 -25.21 -21.98
CA ASP A 526 -38.66 -24.16 -21.05
C ASP A 526 -37.94 -22.84 -21.31
N PHE A 527 -37.01 -22.79 -22.26
CA PHE A 527 -36.12 -21.64 -22.47
C PHE A 527 -36.37 -21.02 -23.84
N ASP A 528 -36.71 -19.73 -23.85
CA ASP A 528 -36.65 -18.92 -25.06
C ASP A 528 -35.85 -17.65 -24.73
N LEU A 529 -34.55 -17.73 -24.91
CA LEU A 529 -33.66 -16.61 -24.65
C LEU A 529 -33.05 -16.05 -25.93
N GLY A 530 -33.44 -16.56 -27.10
CA GLY A 530 -32.84 -16.10 -28.34
C GLY A 530 -31.49 -16.68 -28.66
N CYS A 531 -31.03 -17.66 -27.88
CA CYS A 531 -29.72 -18.24 -28.08
C CYS A 531 -29.81 -19.43 -29.03
N THR A 532 -28.90 -19.48 -29.99
CA THR A 532 -28.83 -20.58 -30.93
C THR A 532 -27.47 -21.26 -30.80
N CYS A 533 -27.49 -22.58 -30.87
CA CYS A 533 -26.26 -23.37 -30.95
C CYS A 533 -26.43 -24.40 -32.06
N ASP A 534 -25.44 -24.45 -32.95
CA ASP A 534 -25.50 -25.31 -34.12
C ASP A 534 -25.38 -26.78 -33.78
N ASP A 535 -25.00 -27.13 -32.55
CA ASP A 535 -24.87 -28.52 -32.16
C ASP A 535 -25.53 -28.77 -30.81
N GLY A 554 -20.46 -33.20 -8.06
CA GLY A 554 -19.45 -33.92 -8.80
C GLY A 554 -18.13 -33.96 -8.07
N SER A 555 -17.20 -34.77 -8.57
CA SER A 555 -15.83 -34.81 -8.05
C SER A 555 -14.95 -33.74 -8.70
N THR A 556 -15.57 -32.72 -9.31
CA THR A 556 -14.83 -31.60 -9.87
C THR A 556 -14.11 -30.82 -8.78
N GLU A 557 -14.72 -30.75 -7.59
CA GLU A 557 -14.16 -30.03 -6.46
C GLU A 557 -12.73 -30.47 -6.17
N GLU A 558 -12.46 -31.76 -6.30
CA GLU A 558 -11.13 -32.28 -6.00
C GLU A 558 -10.07 -31.70 -6.94
N ARG A 559 -10.40 -31.55 -8.22
CA ARG A 559 -9.44 -31.14 -9.24
C ARG A 559 -9.50 -29.66 -9.57
N HIS A 560 -10.65 -29.00 -9.37
CA HIS A 560 -10.84 -27.65 -9.85
C HIS A 560 -11.07 -26.61 -8.77
N LEU A 561 -11.38 -27.01 -7.54
CA LEU A 561 -11.62 -26.09 -6.43
C LEU A 561 -10.61 -26.40 -5.32
N LEU A 562 -9.36 -25.99 -5.54
CA LEU A 562 -8.23 -26.51 -4.78
C LEU A 562 -8.16 -26.00 -3.35
N TYR A 563 -8.80 -24.89 -3.03
CA TYR A 563 -8.60 -24.29 -1.72
C TYR A 563 -9.94 -24.04 -1.04
N GLY A 564 -10.93 -24.85 -1.38
CA GLY A 564 -12.27 -24.68 -0.85
C GLY A 564 -13.08 -23.69 -1.67
N ARG A 565 -14.36 -23.66 -1.41
CA ARG A 565 -15.08 -22.66 -2.17
C ARG A 565 -14.95 -21.29 -1.52
N PRO A 566 -14.96 -20.21 -2.29
CA PRO A 566 -14.99 -18.88 -1.68
C PRO A 566 -16.27 -18.69 -0.90
N ALA A 567 -16.15 -18.11 0.29
CA ALA A 567 -17.33 -17.79 1.08
C ALA A 567 -17.91 -16.46 0.62
N VAL A 568 -19.24 -16.39 0.57
CA VAL A 568 -19.95 -15.16 0.21
C VAL A 568 -20.29 -14.45 1.51
N LEU A 569 -19.83 -13.20 1.63
CA LEU A 569 -19.91 -12.48 2.89
C LEU A 569 -20.97 -11.39 2.87
N TYR A 570 -21.91 -11.46 1.94
CA TYR A 570 -23.06 -10.57 1.88
C TYR A 570 -24.29 -11.41 1.58
N ARG A 571 -25.47 -10.80 1.69
CA ARG A 571 -26.74 -11.51 1.57
C ARG A 571 -27.15 -11.57 0.09
N THR A 572 -27.14 -12.75 -0.49
CA THR A 572 -27.44 -12.91 -1.91
C THR A 572 -27.89 -14.35 -2.14
N SER A 573 -28.14 -14.68 -3.41
CA SER A 573 -28.65 -16.00 -3.79
C SER A 573 -27.80 -16.56 -4.93
N TYR A 574 -27.15 -17.70 -4.69
CA TYR A 574 -26.20 -18.22 -5.66
C TYR A 574 -26.17 -19.75 -5.65
N ASP A 575 -25.81 -20.32 -6.80
CA ASP A 575 -25.79 -21.75 -7.04
C ASP A 575 -24.38 -22.21 -7.39
N ILE A 576 -23.98 -23.37 -6.87
CA ILE A 576 -22.76 -24.02 -7.33
C ILE A 576 -23.10 -24.85 -8.56
N LEU A 577 -22.26 -24.76 -9.59
CA LEU A 577 -22.46 -25.50 -10.83
C LEU A 577 -21.17 -26.23 -11.17
N TYR A 578 -21.26 -27.56 -11.30
CA TYR A 578 -20.10 -28.41 -11.55
C TYR A 578 -19.99 -28.69 -13.03
N HIS A 579 -18.76 -28.99 -13.46
CA HIS A 579 -18.46 -29.28 -14.85
C HIS A 579 -17.19 -30.10 -14.90
N THR A 580 -17.00 -30.82 -16.00
CA THR A 580 -15.78 -31.60 -16.16
C THR A 580 -14.53 -30.74 -16.05
N ASP A 581 -14.57 -29.52 -16.57
CA ASP A 581 -13.37 -28.70 -16.64
C ASP A 581 -13.36 -27.53 -15.67
N PHE A 582 -14.45 -27.27 -14.96
CA PHE A 582 -14.47 -26.08 -14.13
C PHE A 582 -15.67 -26.14 -13.18
N GLU A 583 -15.62 -25.29 -12.17
CA GLU A 583 -16.73 -25.10 -11.24
C GLU A 583 -17.00 -23.60 -11.17
N SER A 584 -18.23 -23.26 -10.79
CA SER A 584 -18.59 -21.85 -10.72
C SER A 584 -19.61 -21.65 -9.61
N GLY A 585 -19.63 -20.42 -9.08
CA GLY A 585 -20.68 -19.96 -8.19
C GLY A 585 -21.58 -18.97 -8.89
N TYR A 586 -22.72 -19.43 -9.40
CA TYR A 586 -23.59 -18.62 -10.24
C TYR A 586 -24.56 -17.84 -9.36
N SER A 587 -24.72 -16.55 -9.67
CA SER A 587 -25.58 -15.66 -8.89
C SER A 587 -26.90 -15.46 -9.63
N GLU A 588 -28.01 -15.82 -8.97
CA GLU A 588 -29.32 -15.59 -9.56
C GLU A 588 -29.69 -14.10 -9.59
N ILE A 589 -28.97 -13.27 -8.86
CA ILE A 589 -29.30 -11.85 -8.82
C ILE A 589 -28.60 -11.09 -9.93
N PHE A 590 -27.33 -11.36 -10.18
CA PHE A 590 -26.55 -10.64 -11.18
C PHE A 590 -26.41 -11.40 -12.49
N LEU A 591 -27.01 -12.60 -12.58
CA LEU A 591 -27.14 -13.35 -13.82
C LEU A 591 -25.80 -13.81 -14.38
N MET A 592 -24.82 -14.05 -13.52
CA MET A 592 -23.51 -14.51 -13.97
C MET A 592 -22.76 -15.07 -12.79
N PRO A 593 -21.69 -15.82 -13.03
CA PRO A 593 -20.89 -16.31 -11.90
C PRO A 593 -20.25 -15.17 -11.13
N LEU A 594 -20.31 -15.28 -9.80
CA LEU A 594 -19.48 -14.46 -8.92
C LEU A 594 -18.03 -14.90 -9.03
N TRP A 595 -17.80 -16.18 -9.28
CA TRP A 595 -16.47 -16.73 -9.41
C TRP A 595 -16.56 -18.00 -10.25
N THR A 596 -15.52 -18.24 -11.02
CA THR A 596 -15.37 -19.45 -11.82
C THR A 596 -13.98 -19.98 -11.53
N SER A 597 -13.87 -21.29 -11.29
CA SER A 597 -12.63 -21.86 -10.80
C SER A 597 -12.29 -23.12 -11.59
N TYR A 598 -11.04 -23.20 -12.05
CA TYR A 598 -10.62 -24.34 -12.84
C TYR A 598 -9.12 -24.49 -12.70
N THR A 599 -8.64 -25.70 -13.00
CA THR A 599 -7.22 -26.00 -12.93
C THR A 599 -6.71 -26.43 -14.31
N ILE A 600 -5.51 -25.96 -14.65
CA ILE A 600 -4.90 -26.19 -15.95
C ILE A 600 -3.54 -26.81 -15.70
N SER A 601 -3.31 -28.01 -16.25
CA SER A 601 -2.08 -28.72 -15.96
C SER A 601 -0.96 -28.27 -16.89
N LYS A 602 0.28 -28.55 -16.47
CA LYS A 602 1.44 -28.21 -17.29
C LYS A 602 1.35 -28.78 -18.70
N GLN A 603 0.59 -29.88 -18.89
CA GLN A 603 0.55 -30.60 -20.14
C GLN A 603 -0.74 -30.41 -20.93
N ALA A 604 -1.69 -29.63 -20.42
CA ALA A 604 -2.97 -29.46 -21.10
C ALA A 604 -2.76 -28.88 -22.49
N GLU A 605 -3.73 -29.14 -23.37
CA GLU A 605 -3.69 -28.71 -24.77
C GLU A 605 -4.66 -27.55 -24.97
N VAL A 606 -4.24 -26.61 -25.81
CA VAL A 606 -5.13 -25.54 -26.25
C VAL A 606 -5.76 -25.96 -27.57
N SER A 607 -7.08 -25.75 -27.68
CA SER A 607 -7.85 -26.13 -28.86
C SER A 607 -8.64 -24.92 -29.33
N SER A 608 -8.96 -24.90 -30.63
CA SER A 608 -9.70 -23.78 -31.18
C SER A 608 -11.18 -23.92 -30.85
N ILE A 609 -11.94 -22.87 -31.17
CA ILE A 609 -13.40 -22.96 -31.21
C ILE A 609 -13.80 -23.35 -32.63
N PRO A 610 -14.50 -24.46 -32.84
CA PRO A 610 -14.94 -24.82 -34.19
C PRO A 610 -15.85 -23.76 -34.77
N GLU A 611 -15.78 -23.60 -36.10
CA GLU A 611 -16.48 -22.53 -36.78
C GLU A 611 -18.00 -22.63 -36.64
N HIS A 612 -18.55 -23.82 -36.41
CA HIS A 612 -19.98 -23.93 -36.18
C HIS A 612 -20.37 -23.62 -34.74
N LEU A 613 -19.39 -23.49 -33.84
CA LEU A 613 -19.64 -23.15 -32.45
C LEU A 613 -19.26 -21.71 -32.13
N THR A 614 -18.99 -20.89 -33.15
CA THR A 614 -18.59 -19.50 -32.93
C THR A 614 -19.64 -18.76 -32.11
N ASN A 615 -20.90 -18.80 -32.57
CA ASN A 615 -21.99 -18.08 -31.91
C ASN A 615 -22.84 -18.98 -31.03
N CYS A 616 -22.31 -20.13 -30.61
CA CYS A 616 -23.09 -21.06 -29.81
C CYS A 616 -23.23 -20.55 -28.38
N VAL A 617 -24.47 -20.46 -27.91
CA VAL A 617 -24.78 -20.26 -26.49
C VAL A 617 -25.91 -21.21 -26.13
N ARG A 618 -25.72 -22.01 -25.06
CA ARG A 618 -26.75 -22.98 -24.70
C ARG A 618 -27.40 -22.62 -23.37
N PRO A 619 -28.73 -22.73 -23.25
CA PRO A 619 -29.35 -22.56 -21.93
C PRO A 619 -28.82 -23.57 -20.95
N ASP A 620 -28.81 -23.21 -19.66
CA ASP A 620 -28.37 -24.10 -18.61
C ASP A 620 -29.59 -24.68 -17.93
N VAL A 621 -29.76 -25.98 -18.09
CA VAL A 621 -30.97 -26.69 -17.71
C VAL A 621 -31.01 -26.90 -16.20
N ARG A 622 -29.96 -26.44 -15.52
CA ARG A 622 -29.96 -26.39 -14.06
C ARG A 622 -30.56 -25.11 -13.51
N VAL A 623 -30.71 -24.08 -14.35
CA VAL A 623 -30.99 -22.72 -13.90
C VAL A 623 -32.26 -22.23 -14.56
N SER A 624 -33.09 -21.55 -13.78
CA SER A 624 -34.37 -21.03 -14.26
C SER A 624 -34.17 -20.17 -15.50
N PRO A 625 -35.21 -20.01 -16.31
CA PRO A 625 -35.13 -19.03 -17.41
C PRO A 625 -35.13 -17.60 -16.91
N GLY A 626 -35.85 -17.31 -15.83
CA GLY A 626 -35.85 -15.97 -15.27
C GLY A 626 -34.54 -15.58 -14.59
N PHE A 627 -33.66 -16.54 -14.34
CA PHE A 627 -32.37 -16.31 -13.72
C PHE A 627 -31.25 -16.55 -14.72
N SER A 628 -31.49 -16.18 -15.97
CA SER A 628 -30.52 -16.40 -17.04
C SER A 628 -30.41 -15.15 -17.89
N GLN A 629 -29.24 -14.97 -18.48
CA GLN A 629 -29.11 -13.97 -19.53
C GLN A 629 -29.84 -14.45 -20.77
N ASN A 630 -30.04 -13.53 -21.72
CA ASN A 630 -30.63 -13.88 -23.01
C ASN A 630 -29.78 -13.28 -24.11
N CYS A 631 -29.65 -14.02 -25.21
CA CYS A 631 -28.81 -13.60 -26.32
C CYS A 631 -29.46 -12.50 -27.15
N LEU A 632 -30.77 -12.30 -27.01
CA LEU A 632 -31.44 -11.23 -27.74
C LEU A 632 -30.83 -9.87 -27.37
N ALA A 633 -30.66 -9.61 -26.08
CA ALA A 633 -30.10 -8.34 -25.63
C ALA A 633 -28.74 -8.08 -26.27
N TYR A 634 -27.92 -9.13 -26.39
CA TYR A 634 -26.62 -8.98 -27.04
C TYR A 634 -26.76 -8.74 -28.54
N LYS A 635 -27.76 -9.35 -29.18
CA LYS A 635 -28.02 -9.03 -30.58
C LYS A 635 -28.47 -7.58 -30.75
N ASN A 636 -29.22 -7.04 -29.79
CA ASN A 636 -29.70 -5.67 -29.90
C ASN A 636 -28.61 -4.65 -29.57
N ASP A 637 -27.71 -4.95 -28.62
CA ASP A 637 -26.71 -3.98 -28.16
C ASP A 637 -25.55 -3.97 -29.14
N LYS A 638 -25.50 -2.94 -30.01
CA LYS A 638 -24.47 -2.90 -31.03
C LYS A 638 -23.07 -2.65 -30.48
N GLN A 639 -22.94 -2.21 -29.23
CA GLN A 639 -21.64 -1.92 -28.68
C GLN A 639 -21.12 -2.98 -27.71
N MET A 640 -21.99 -3.88 -27.24
CA MET A 640 -21.61 -4.89 -26.27
C MET A 640 -21.57 -6.26 -26.94
N SER A 641 -20.54 -7.04 -26.60
CA SER A 641 -20.53 -8.45 -26.97
C SER A 641 -20.43 -9.29 -25.70
N TYR A 642 -19.93 -10.53 -25.80
CA TYR A 642 -19.88 -11.37 -24.61
C TYR A 642 -18.63 -12.23 -24.66
N GLY A 643 -18.27 -12.78 -23.51
CA GLY A 643 -17.19 -13.72 -23.41
C GLY A 643 -17.49 -14.78 -22.37
N PHE A 644 -16.55 -15.70 -22.20
CA PHE A 644 -16.73 -16.81 -21.27
C PHE A 644 -15.67 -16.78 -20.17
N LEU A 645 -16.11 -17.02 -18.94
CA LEU A 645 -15.20 -17.07 -17.81
C LEU A 645 -14.29 -18.30 -17.89
N PHE A 646 -14.88 -19.52 -18.01
CA PHE A 646 -14.04 -20.65 -18.39
C PHE A 646 -13.82 -20.63 -19.90
N PRO A 647 -12.58 -20.73 -20.37
CA PRO A 647 -12.30 -20.55 -21.80
C PRO A 647 -12.52 -21.82 -22.60
N PRO A 648 -13.40 -21.78 -23.61
CA PRO A 648 -13.55 -22.94 -24.51
C PRO A 648 -12.23 -23.50 -25.00
N TYR A 649 -11.20 -22.66 -25.12
CA TYR A 649 -9.90 -23.10 -25.67
C TYR A 649 -9.21 -24.15 -24.81
N LEU A 650 -9.62 -24.31 -23.54
CA LEU A 650 -8.90 -25.19 -22.63
C LEU A 650 -9.71 -26.41 -22.19
N SER A 651 -10.91 -26.58 -22.72
CA SER A 651 -11.70 -27.77 -22.40
C SER A 651 -10.90 -29.04 -22.66
N SER A 652 -11.19 -30.07 -21.86
CA SER A 652 -10.38 -31.29 -21.92
C SER A 652 -10.71 -32.12 -23.17
N SER A 653 -11.97 -32.18 -23.57
CA SER A 653 -12.42 -33.04 -24.66
C SER A 653 -13.32 -32.25 -25.59
N PRO A 654 -13.61 -32.79 -26.78
CA PRO A 654 -14.66 -32.18 -27.61
C PRO A 654 -16.03 -32.17 -26.95
N GLU A 655 -16.39 -33.22 -26.21
CA GLU A 655 -17.64 -33.18 -25.47
C GLU A 655 -17.63 -32.09 -24.40
N ALA A 656 -16.55 -32.05 -23.59
CA ALA A 656 -16.50 -31.14 -22.45
C ALA A 656 -16.65 -29.68 -22.88
N LYS A 657 -16.11 -29.35 -24.06
CA LYS A 657 -16.14 -27.98 -24.56
C LYS A 657 -17.55 -27.40 -24.61
N TYR A 658 -18.57 -28.25 -24.74
CA TYR A 658 -19.94 -27.75 -24.79
C TYR A 658 -20.36 -27.11 -23.46
N ASP A 659 -19.73 -27.52 -22.36
CA ASP A 659 -20.00 -26.85 -21.09
C ASP A 659 -19.57 -25.38 -21.13
N ALA A 660 -18.51 -25.07 -21.87
CA ALA A 660 -18.00 -23.71 -21.92
C ALA A 660 -18.98 -22.73 -22.56
N PHE A 661 -19.93 -23.22 -23.37
CA PHE A 661 -20.88 -22.35 -24.05
C PHE A 661 -22.19 -22.22 -23.31
N LEU A 662 -22.27 -22.75 -22.08
CA LEU A 662 -23.44 -22.54 -21.26
C LEU A 662 -23.69 -21.06 -21.03
N VAL A 663 -24.98 -20.68 -21.06
CA VAL A 663 -25.35 -19.30 -20.76
C VAL A 663 -24.89 -18.86 -19.38
N THR A 664 -24.62 -19.80 -18.49
CA THR A 664 -24.19 -19.51 -17.13
C THR A 664 -22.68 -19.37 -17.01
N ASN A 665 -21.96 -19.53 -18.11
CA ASN A 665 -20.55 -19.23 -18.20
C ASN A 665 -20.30 -17.90 -18.91
N MET A 666 -21.35 -17.16 -19.22
CA MET A 666 -21.31 -16.01 -20.12
C MET A 666 -21.24 -14.71 -19.34
N VAL A 667 -20.44 -13.77 -19.83
CA VAL A 667 -20.37 -12.43 -19.20
C VAL A 667 -20.28 -11.37 -20.28
N PRO A 668 -20.85 -10.19 -20.00
CA PRO A 668 -20.83 -9.13 -21.01
C PRO A 668 -19.45 -8.49 -21.13
N MET A 669 -18.98 -8.31 -22.36
CA MET A 669 -17.65 -7.82 -22.63
C MET A 669 -17.68 -6.94 -23.87
N TYR A 670 -17.11 -5.74 -23.76
CA TYR A 670 -16.92 -4.92 -24.95
C TYR A 670 -15.97 -5.63 -25.91
N PRO A 671 -16.16 -5.46 -27.22
CA PRO A 671 -15.17 -5.97 -28.19
C PRO A 671 -13.73 -5.58 -27.85
N ALA A 672 -13.51 -4.34 -27.37
CA ALA A 672 -12.16 -3.92 -26.98
C ALA A 672 -11.59 -4.82 -25.88
N PHE A 673 -12.38 -5.08 -24.84
CA PHE A 673 -11.92 -5.95 -23.77
C PHE A 673 -11.69 -7.37 -24.26
N LYS A 674 -12.56 -7.86 -25.15
CA LYS A 674 -12.41 -9.21 -25.67
C LYS A 674 -11.05 -9.41 -26.34
N ARG A 675 -10.47 -8.36 -26.93
CA ARG A 675 -9.12 -8.49 -27.47
C ARG A 675 -8.13 -8.92 -26.39
N VAL A 676 -8.30 -8.40 -25.17
CA VAL A 676 -7.43 -8.77 -24.05
C VAL A 676 -7.81 -10.15 -23.52
N TRP A 677 -9.07 -10.31 -23.16
CA TRP A 677 -9.53 -11.53 -22.49
C TRP A 677 -9.27 -12.77 -23.33
N THR A 678 -9.52 -12.71 -24.64
CA THR A 678 -9.28 -13.88 -25.47
C THR A 678 -7.80 -14.23 -25.49
N TYR A 679 -6.93 -13.22 -25.64
CA TYR A 679 -5.50 -13.47 -25.63
C TYR A 679 -5.05 -14.06 -24.31
N PHE A 680 -5.63 -13.58 -23.21
CA PHE A 680 -5.37 -14.17 -21.91
C PHE A 680 -5.77 -15.64 -21.87
N GLN A 681 -7.03 -15.93 -22.22
CA GLN A 681 -7.54 -17.30 -22.16
C GLN A 681 -6.82 -18.24 -23.11
N ARG A 682 -6.52 -17.78 -24.33
CA ARG A 682 -6.00 -18.68 -25.35
C ARG A 682 -4.49 -18.86 -25.25
N VAL A 683 -3.74 -17.84 -24.87
CA VAL A 683 -2.28 -17.88 -24.86
C VAL A 683 -1.70 -17.88 -23.45
N LEU A 684 -2.11 -16.92 -22.62
CA LEU A 684 -1.38 -16.68 -21.36
C LEU A 684 -1.68 -17.72 -20.28
N VAL A 685 -2.92 -18.20 -20.16
CA VAL A 685 -3.19 -19.18 -19.11
C VAL A 685 -2.34 -20.42 -19.32
N LYS A 686 -2.20 -20.87 -20.56
CA LYS A 686 -1.39 -22.06 -20.81
C LYS A 686 0.08 -21.76 -20.61
N LYS A 687 0.51 -20.54 -20.96
CA LYS A 687 1.90 -20.17 -20.70
C LYS A 687 2.20 -20.17 -19.20
N TYR A 688 1.23 -19.74 -18.38
CA TYR A 688 1.43 -19.75 -16.94
C TYR A 688 1.47 -21.18 -16.40
N ALA A 689 0.55 -22.04 -16.85
CA ALA A 689 0.57 -23.45 -16.48
C ALA A 689 1.89 -24.11 -16.84
N SER A 690 2.44 -23.78 -18.01
CA SER A 690 3.72 -24.36 -18.41
C SER A 690 4.85 -23.88 -17.51
N GLU A 691 4.81 -22.61 -17.07
CA GLU A 691 5.91 -22.04 -16.31
C GLU A 691 5.83 -22.37 -14.81
N ARG A 692 4.62 -22.52 -14.26
CA ARG A 692 4.47 -22.74 -12.83
C ARG A 692 4.11 -24.18 -12.49
N ASN A 693 4.18 -25.10 -13.47
CA ASN A 693 3.82 -26.51 -13.31
C ASN A 693 2.35 -26.67 -12.94
N GLY A 694 1.50 -26.20 -13.84
CA GLY A 694 0.07 -26.12 -13.60
C GLY A 694 -0.32 -24.83 -12.90
N VAL A 695 -1.56 -24.38 -13.08
CA VAL A 695 -2.10 -23.24 -12.35
C VAL A 695 -3.58 -23.47 -12.10
N ASN A 696 -4.04 -22.99 -10.95
CA ASN A 696 -5.45 -22.90 -10.63
C ASN A 696 -5.88 -21.46 -10.86
N VAL A 697 -7.02 -21.28 -11.53
CA VAL A 697 -7.51 -19.97 -11.96
C VAL A 697 -8.88 -19.77 -11.36
N ILE A 698 -9.08 -18.63 -10.70
CA ILE A 698 -10.40 -18.17 -10.30
C ILE A 698 -10.64 -16.82 -10.96
N SER A 699 -11.69 -16.73 -11.76
CA SER A 699 -12.00 -15.49 -12.47
C SER A 699 -13.44 -15.08 -12.15
N GLY A 700 -13.73 -13.81 -12.38
CA GLY A 700 -15.06 -13.32 -12.14
C GLY A 700 -15.21 -11.85 -12.45
N PRO A 701 -16.43 -11.34 -12.26
CA PRO A 701 -16.71 -9.92 -12.45
C PRO A 701 -16.54 -9.11 -11.18
N ILE A 702 -16.39 -7.80 -11.38
CA ILE A 702 -16.34 -6.83 -10.27
C ILE A 702 -17.22 -5.65 -10.65
N PHE A 703 -18.01 -5.17 -9.70
CA PHE A 703 -18.86 -3.99 -9.91
C PHE A 703 -18.44 -2.90 -8.94
N ASP A 704 -17.82 -1.83 -9.46
CA ASP A 704 -17.40 -0.73 -8.60
C ASP A 704 -17.64 0.60 -9.32
N TYR A 705 -18.92 0.98 -9.50
CA TYR A 705 -19.24 2.17 -10.29
C TYR A 705 -18.93 3.46 -9.54
N ASN A 706 -18.98 3.46 -8.21
CA ASN A 706 -18.58 4.63 -7.45
C ASN A 706 -17.10 4.60 -7.04
N TYR A 707 -16.29 3.75 -7.69
CA TYR A 707 -14.84 3.71 -7.52
C TYR A 707 -14.38 3.86 -6.08
N ASN A 708 -15.01 3.16 -5.14
CA ASN A 708 -14.59 3.23 -3.75
C ASN A 708 -13.86 1.96 -3.32
N GLY A 709 -13.53 1.09 -4.26
CA GLY A 709 -12.82 -0.12 -3.94
C GLY A 709 -13.66 -1.19 -3.27
N LEU A 710 -14.97 -0.99 -3.19
CA LEU A 710 -15.86 -1.92 -2.50
C LEU A 710 -16.95 -2.44 -3.42
N ARG A 711 -17.36 -3.68 -3.17
CA ARG A 711 -18.46 -4.32 -3.89
C ARG A 711 -19.68 -3.40 -3.96
N ASP A 712 -20.18 -3.17 -5.17
CA ASP A 712 -21.40 -2.37 -5.33
C ASP A 712 -22.63 -3.12 -4.81
N ILE A 713 -23.53 -2.37 -4.16
CA ILE A 713 -24.90 -2.82 -4.00
C ILE A 713 -25.65 -2.62 -5.31
N GLU A 714 -26.79 -3.32 -5.45
CA GLU A 714 -27.55 -3.28 -6.70
C GLU A 714 -27.88 -1.85 -7.12
N ASP A 715 -28.25 -1.01 -6.17
CA ASP A 715 -28.59 0.38 -6.46
C ASP A 715 -27.44 1.13 -7.13
N GLU A 716 -26.19 0.68 -6.96
CA GLU A 716 -25.03 1.42 -7.45
C GLU A 716 -24.59 1.00 -8.86
N ILE A 717 -25.08 -0.12 -9.39
CA ILE A 717 -24.75 -0.53 -10.75
C ILE A 717 -25.42 0.40 -11.74
N LYS A 718 -24.63 0.98 -12.65
CA LYS A 718 -25.13 2.08 -13.48
C LYS A 718 -25.34 1.71 -14.94
N GLN A 719 -24.90 0.53 -15.37
CA GLN A 719 -24.98 0.15 -16.77
C GLN A 719 -25.47 -1.29 -16.90
N TYR A 720 -26.37 -1.49 -17.86
CA TYR A 720 -26.95 -2.80 -18.16
C TYR A 720 -26.86 -3.05 -19.66
N VAL A 721 -26.86 -4.34 -20.04
CA VAL A 721 -26.94 -4.65 -21.46
C VAL A 721 -28.23 -4.07 -22.02
N GLU A 722 -28.15 -3.57 -23.26
CA GLU A 722 -29.23 -2.80 -23.88
C GLU A 722 -30.58 -3.48 -23.71
N GLY A 723 -31.52 -2.78 -23.09
CA GLY A 723 -32.88 -3.29 -22.96
C GLY A 723 -33.01 -4.56 -22.16
N SER A 724 -32.08 -4.83 -21.26
CA SER A 724 -32.14 -6.01 -20.40
C SER A 724 -31.70 -5.63 -18.99
N SER A 725 -31.67 -6.62 -18.09
CA SER A 725 -31.25 -6.37 -16.72
C SER A 725 -29.94 -7.07 -16.38
N ILE A 726 -29.14 -7.39 -17.38
CA ILE A 726 -27.81 -7.95 -17.16
C ILE A 726 -26.85 -6.81 -16.82
N PRO A 727 -26.35 -6.74 -15.59
CA PRO A 727 -25.41 -5.66 -15.24
C PRO A 727 -24.06 -5.86 -15.91
N VAL A 728 -23.40 -4.75 -16.20
CA VAL A 728 -22.12 -4.74 -16.90
C VAL A 728 -21.01 -4.54 -15.87
N PRO A 729 -20.08 -5.48 -15.70
CA PRO A 729 -18.99 -5.30 -14.76
C PRO A 729 -18.09 -4.13 -15.15
N THR A 730 -17.57 -3.42 -14.15
CA THR A 730 -16.55 -2.40 -14.40
C THR A 730 -15.16 -2.99 -14.55
N HIS A 731 -14.95 -4.18 -14.01
CA HIS A 731 -13.66 -4.84 -14.05
C HIS A 731 -13.88 -6.34 -14.12
N TYR A 732 -12.85 -7.06 -14.55
CA TYR A 732 -12.80 -8.50 -14.41
C TYR A 732 -11.51 -8.88 -13.72
N TYR A 733 -11.59 -9.88 -12.84
CA TYR A 733 -10.44 -10.34 -12.07
C TYR A 733 -10.05 -11.78 -12.44
N SER A 734 -8.79 -12.10 -12.19
CA SER A 734 -8.33 -13.48 -12.16
C SER A 734 -7.29 -13.66 -11.05
N ILE A 735 -7.41 -14.76 -10.32
CA ILE A 735 -6.47 -15.15 -9.27
C ILE A 735 -5.81 -16.45 -9.74
N ILE A 736 -4.50 -16.42 -9.91
CA ILE A 736 -3.77 -17.54 -10.48
C ILE A 736 -2.83 -18.06 -9.41
N THR A 737 -3.09 -19.29 -8.94
CA THR A 737 -2.40 -19.93 -7.82
C THR A 737 -1.69 -21.20 -8.27
N SER A 738 -0.52 -21.46 -7.67
CA SER A 738 0.23 -22.67 -7.94
C SER A 738 1.11 -22.97 -6.72
N CYS A 739 1.93 -24.02 -6.83
CA CYS A 739 2.76 -24.42 -5.71
C CYS A 739 4.02 -23.56 -5.66
N LEU A 740 4.32 -23.03 -4.47
CA LEU A 740 5.60 -22.34 -4.29
C LEU A 740 6.75 -23.25 -4.69
N ASP A 741 6.70 -24.50 -4.25
CA ASP A 741 7.60 -25.53 -4.76
C ASP A 741 7.17 -25.88 -6.18
N PHE A 742 7.75 -25.20 -7.17
CA PHE A 742 7.27 -25.37 -8.54
C PHE A 742 7.54 -26.77 -9.11
N THR A 743 8.23 -27.63 -8.37
CA THR A 743 8.38 -29.01 -8.84
C THR A 743 7.18 -29.87 -8.51
N GLN A 744 6.28 -29.39 -7.65
CA GLN A 744 5.06 -30.15 -7.47
C GLN A 744 3.94 -29.54 -8.29
N PRO A 745 3.11 -30.37 -8.92
CA PRO A 745 2.00 -29.83 -9.72
C PRO A 745 1.09 -28.98 -8.84
N ALA A 746 0.38 -28.05 -9.50
CA ALA A 746 -0.52 -27.17 -8.77
C ALA A 746 -1.58 -27.95 -8.01
N ASP A 747 -2.07 -29.05 -8.59
CA ASP A 747 -3.16 -29.80 -7.98
C ASP A 747 -2.68 -30.80 -6.94
N LYS A 748 -1.38 -31.04 -6.82
CA LYS A 748 -0.81 -31.94 -5.81
C LYS A 748 0.28 -31.22 -5.02
N CYS A 749 -0.08 -30.12 -4.37
CA CYS A 749 0.88 -29.27 -3.67
C CYS A 749 0.77 -29.51 -2.17
N ASP A 750 1.91 -29.75 -1.52
CA ASP A 750 1.93 -30.02 -0.09
C ASP A 750 2.02 -28.75 0.74
N GLY A 751 2.94 -27.85 0.41
CA GLY A 751 3.26 -26.74 1.27
C GLY A 751 2.73 -25.41 0.78
N PRO A 752 3.54 -24.36 0.90
CA PRO A 752 3.07 -23.01 0.65
C PRO A 752 2.69 -22.80 -0.80
N LEU A 753 1.85 -21.79 -1.01
CA LEU A 753 1.30 -21.43 -2.31
C LEU A 753 2.00 -20.21 -2.87
N SER A 754 1.78 -20.00 -4.16
CA SER A 754 2.30 -18.88 -4.92
C SER A 754 1.16 -18.32 -5.74
N VAL A 755 0.97 -17.00 -5.71
CA VAL A 755 -0.21 -16.36 -6.31
C VAL A 755 0.19 -15.10 -7.07
N SER A 756 -0.49 -14.85 -8.18
CA SER A 756 -0.54 -13.57 -8.87
C SER A 756 -1.99 -13.33 -9.30
N SER A 757 -2.38 -12.06 -9.37
CA SER A 757 -3.76 -11.70 -9.72
C SER A 757 -3.76 -10.39 -10.50
N PHE A 758 -4.91 -10.13 -11.13
CA PHE A 758 -5.14 -8.89 -11.85
C PHE A 758 -6.58 -8.46 -11.65
N ILE A 759 -6.82 -7.16 -11.77
CA ILE A 759 -8.16 -6.59 -11.87
C ILE A 759 -8.16 -5.74 -13.14
N LEU A 760 -8.67 -6.30 -14.24
CA LEU A 760 -8.56 -5.54 -15.48
C LEU A 760 -9.74 -4.62 -15.67
N PRO A 761 -9.52 -3.40 -16.14
CA PRO A 761 -10.66 -2.49 -16.36
C PRO A 761 -11.45 -2.93 -17.58
N HIS A 762 -12.76 -2.97 -17.44
CA HIS A 762 -13.66 -3.35 -18.53
C HIS A 762 -13.96 -2.08 -19.32
N ARG A 763 -13.17 -1.81 -20.36
CA ARG A 763 -13.35 -0.55 -21.04
C ARG A 763 -13.75 -0.73 -22.50
N PRO A 764 -14.53 0.21 -23.05
CA PRO A 764 -15.00 0.09 -24.44
C PRO A 764 -13.94 0.39 -25.50
N ASP A 765 -12.77 0.87 -25.10
CA ASP A 765 -11.67 1.08 -26.04
C ASP A 765 -10.38 0.67 -25.37
N ASN A 766 -9.33 0.50 -26.18
CA ASN A 766 -7.98 0.26 -25.67
C ASN A 766 -7.08 1.51 -25.73
N ASP A 767 -7.65 2.69 -25.47
CA ASP A 767 -6.85 3.92 -25.51
C ASP A 767 -5.69 3.89 -24.52
N GLU A 768 -5.85 3.18 -23.41
CA GLU A 768 -4.79 3.09 -22.40
C GLU A 768 -3.54 2.44 -22.95
N SER A 769 -3.69 1.58 -23.96
CA SER A 769 -2.57 0.82 -24.52
C SER A 769 -2.17 1.47 -25.84
N CYS A 770 -1.06 2.23 -25.82
CA CYS A 770 -0.73 3.02 -27.00
C CYS A 770 -0.33 2.17 -28.20
N ASN A 771 0.03 0.90 -27.99
CA ASN A 771 0.41 -0.01 -29.05
C ASN A 771 -0.71 -1.00 -29.41
N SER A 772 -1.95 -0.69 -29.07
CA SER A 772 -3.03 -1.66 -29.22
C SER A 772 -3.42 -1.90 -30.69
N SER A 773 -2.98 -1.06 -31.62
CA SER A 773 -3.25 -1.37 -33.02
C SER A 773 -2.44 -2.58 -33.47
N GLU A 774 -1.31 -2.83 -32.82
CA GLU A 774 -0.48 -3.97 -33.14
C GLU A 774 -1.12 -5.27 -32.62
N ASP A 775 -0.43 -6.38 -32.85
CA ASP A 775 -0.92 -7.67 -32.38
C ASP A 775 -0.90 -7.73 -30.85
N GLU A 776 -1.80 -8.55 -30.30
CA GLU A 776 -1.95 -8.62 -28.85
C GLU A 776 -0.67 -9.06 -28.16
N SER A 777 0.19 -9.79 -28.87
CA SER A 777 1.47 -10.18 -28.29
C SER A 777 2.37 -8.98 -28.01
N LYS A 778 2.02 -7.81 -28.49
CA LYS A 778 2.88 -6.64 -28.34
C LYS A 778 2.40 -5.70 -27.25
N TRP A 779 1.28 -5.97 -26.59
CA TRP A 779 0.75 -4.99 -25.65
C TRP A 779 -0.15 -5.54 -24.54
N VAL A 780 -0.73 -6.74 -24.69
CA VAL A 780 -1.71 -7.18 -23.70
C VAL A 780 -1.06 -7.47 -22.36
N GLU A 781 0.10 -8.13 -22.37
CA GLU A 781 0.75 -8.47 -21.10
C GLU A 781 1.21 -7.21 -20.36
N GLU A 782 1.74 -6.22 -21.10
CA GLU A 782 2.06 -4.93 -20.51
C GLU A 782 0.86 -4.34 -19.78
N LEU A 783 -0.33 -4.41 -20.41
CA LEU A 783 -1.54 -3.92 -19.77
C LEU A 783 -1.83 -4.68 -18.48
N MET A 784 -1.72 -6.00 -18.52
CA MET A 784 -2.05 -6.79 -17.34
C MET A 784 -1.08 -6.54 -16.21
N LYS A 785 0.21 -6.38 -16.52
CA LYS A 785 1.19 -6.08 -15.49
C LYS A 785 0.83 -4.80 -14.76
N MET A 786 0.29 -3.81 -15.47
CA MET A 786 -0.06 -2.54 -14.85
C MET A 786 -1.23 -2.71 -13.90
N HIS A 787 -2.11 -3.68 -14.17
CA HIS A 787 -3.29 -3.86 -13.35
C HIS A 787 -3.17 -5.09 -12.45
N THR A 788 -1.95 -5.45 -12.09
CA THR A 788 -1.72 -6.46 -11.06
C THR A 788 -2.44 -6.06 -9.77
N ALA A 789 -2.77 -7.06 -8.95
CA ALA A 789 -3.60 -6.80 -7.78
C ALA A 789 -3.33 -7.85 -6.70
N ARG A 790 -3.69 -7.50 -5.47
CA ARG A 790 -3.69 -8.43 -4.36
C ARG A 790 -5.00 -9.20 -4.34
N VAL A 791 -4.96 -10.44 -3.86
CA VAL A 791 -6.21 -11.16 -3.64
C VAL A 791 -7.10 -10.36 -2.72
N ARG A 792 -6.49 -9.70 -1.74
CA ARG A 792 -7.26 -8.88 -0.80
C ARG A 792 -8.03 -7.77 -1.50
N ASP A 793 -7.42 -7.10 -2.49
CA ASP A 793 -8.12 -6.12 -3.30
C ASP A 793 -9.40 -6.74 -3.89
N ILE A 794 -9.24 -7.91 -4.51
CA ILE A 794 -10.37 -8.59 -5.12
C ILE A 794 -11.43 -8.92 -4.07
N GLU A 795 -11.01 -9.30 -2.86
CA GLU A 795 -12.00 -9.61 -1.84
C GLU A 795 -12.84 -8.38 -1.49
N HIS A 796 -12.19 -7.22 -1.29
CA HIS A 796 -12.95 -6.00 -1.04
C HIS A 796 -13.91 -5.71 -2.19
N LEU A 797 -13.47 -5.95 -3.42
CA LEU A 797 -14.30 -5.62 -4.57
C LEU A 797 -15.39 -6.64 -4.83
N THR A 798 -15.29 -7.88 -4.30
CA THR A 798 -16.28 -8.91 -4.62
C THR A 798 -17.11 -9.39 -3.44
N GLY A 799 -16.76 -9.04 -2.20
CA GLY A 799 -17.47 -9.61 -1.08
C GLY A 799 -17.20 -11.08 -0.86
N LEU A 800 -16.14 -11.62 -1.45
CA LEU A 800 -15.78 -13.02 -1.35
C LEU A 800 -14.56 -13.19 -0.45
N ASP A 801 -14.39 -14.39 0.09
CA ASP A 801 -13.26 -14.73 0.96
C ASP A 801 -12.65 -16.02 0.45
N PHE A 802 -11.41 -15.95 -0.05
CA PHE A 802 -10.73 -17.06 -0.69
C PHE A 802 -9.81 -17.81 0.28
N TYR A 803 -9.37 -18.99 -0.16
CA TYR A 803 -8.36 -19.80 0.53
C TYR A 803 -8.80 -20.26 1.92
N ARG A 804 -10.10 -20.55 2.08
CA ARG A 804 -10.61 -21.01 3.37
C ARG A 804 -10.27 -22.45 3.71
N LYS A 805 -9.95 -23.31 2.73
CA LYS A 805 -9.60 -24.71 3.01
C LYS A 805 -8.19 -24.99 2.51
N THR A 806 -7.22 -24.99 3.42
CA THR A 806 -5.83 -25.21 3.05
C THR A 806 -5.14 -25.95 4.17
N SER A 807 -3.98 -26.54 3.85
CA SER A 807 -3.09 -27.10 4.86
C SER A 807 -2.14 -26.06 5.45
N ARG A 808 -2.47 -24.79 5.39
CA ARG A 808 -1.59 -23.72 5.86
C ARG A 808 -2.28 -22.94 6.96
N SER A 809 -1.46 -22.34 7.84
CA SER A 809 -2.00 -21.50 8.90
C SER A 809 -2.75 -20.30 8.29
N TYR A 810 -3.76 -19.82 9.01
CA TYR A 810 -4.52 -18.68 8.52
C TYR A 810 -3.62 -17.45 8.37
N SER A 811 -2.66 -17.30 9.29
CA SER A 811 -1.72 -16.19 9.23
C SER A 811 -0.91 -16.21 7.94
N GLU A 812 -0.38 -17.38 7.58
CA GLU A 812 0.34 -17.48 6.32
C GLU A 812 -0.56 -17.14 5.14
N ILE A 813 -1.83 -17.58 5.20
CA ILE A 813 -2.78 -17.29 4.12
C ILE A 813 -3.03 -15.79 4.01
N LEU A 814 -3.19 -15.10 5.15
CA LEU A 814 -3.36 -13.66 5.14
C LEU A 814 -2.19 -12.97 4.46
N THR A 815 -0.97 -13.45 4.72
CA THR A 815 0.21 -12.97 4.00
C THR A 815 0.04 -13.18 2.50
N LEU A 816 -0.38 -14.38 2.11
CA LEU A 816 -0.59 -14.68 0.70
C LEU A 816 -1.59 -13.72 0.07
N LYS A 817 -2.69 -13.42 0.77
CA LYS A 817 -3.70 -12.52 0.23
C LYS A 817 -3.22 -11.06 0.12
N THR A 818 -2.18 -10.66 0.86
CA THR A 818 -1.66 -9.30 0.71
C THR A 818 -0.51 -9.20 -0.30
N TYR A 819 -0.05 -10.33 -0.84
CA TYR A 819 1.02 -10.34 -1.84
C TYR A 819 0.61 -9.59 -3.10
N LEU A 820 1.55 -8.82 -3.65
CA LEU A 820 1.38 -8.16 -4.93
C LEU A 820 2.52 -8.58 -5.85
N HIS A 821 2.19 -9.22 -6.98
CA HIS A 821 3.20 -9.55 -7.96
C HIS A 821 3.48 -8.30 -8.79
N THR A 822 4.71 -7.75 -8.71
CA THR A 822 4.96 -6.42 -9.27
C THR A 822 5.68 -6.43 -10.61
N TYR A 823 6.30 -7.54 -11.01
CA TYR A 823 6.99 -7.66 -12.31
C TYR A 823 8.11 -6.63 -12.48
N GLU A 824 8.73 -6.19 -11.38
CA GLU A 824 9.84 -5.24 -11.44
C GLU A 824 11.19 -5.95 -11.35
C1 NAG B . -10.00 1.29 4.14
C2 NAG B . -11.20 0.89 3.30
C3 NAG B . -12.32 1.89 3.49
C4 NAG B . -12.63 2.16 4.95
C5 NAG B . -11.36 2.39 5.77
C6 NAG B . -11.60 2.40 7.27
C7 NAG B . -10.85 -0.37 1.23
C8 NAG B . -10.52 -0.29 -0.24
N2 NAG B . -10.86 0.79 1.89
O3 NAG B . -13.48 1.42 2.79
O4 NAG B . -13.31 3.41 5.01
O5 NAG B . -10.40 1.36 5.52
O6 NAG B . -12.18 1.18 7.70
O7 NAG B . -11.09 -1.44 1.78
C1 NAG B . -14.61 3.33 5.63
C2 NAG B . -14.96 4.74 6.10
C3 NAG B . -16.37 4.78 6.67
C4 NAG B . -17.37 4.10 5.73
C5 NAG B . -16.83 2.76 5.24
C6 NAG B . -17.70 2.10 4.19
C7 NAG B . -12.89 5.92 6.73
C8 NAG B . -12.01 6.35 7.87
N2 NAG B . -14.00 5.23 7.07
O3 NAG B . -16.72 6.14 6.91
O4 NAG B . -18.54 3.70 6.42
O5 NAG B . -15.51 2.92 4.68
O6 NAG B . -18.15 3.04 3.22
O7 NAG B . -12.62 6.17 5.56
C1 MAN B . -19.41 4.64 7.11
C2 MAN B . -20.79 4.01 6.79
C3 MAN B . -21.78 5.10 6.42
C4 MAN B . -21.68 6.25 7.42
C5 MAN B . -20.29 6.91 7.29
C6 MAN B . -19.70 7.42 8.61
O2 MAN B . -21.30 3.38 7.96
O3 MAN B . -23.14 4.61 6.28
O4 MAN B . -22.69 7.22 7.17
O5 MAN B . -19.33 5.97 6.66
O6 MAN B . -18.63 8.31 8.26
C1 MAN B . -18.19 9.20 9.32
C2 MAN B . -16.97 10.03 8.73
C3 MAN B . -15.70 9.14 8.64
C4 MAN B . -15.41 8.48 10.01
C5 MAN B . -16.65 7.67 10.51
C6 MAN B . -16.45 7.10 11.92
O2 MAN B . -16.64 11.19 9.52
O3 MAN B . -14.55 9.85 8.15
O4 MAN B . -14.30 7.60 9.92
O5 MAN B . -17.84 8.52 10.53
O6 MAN B . -15.76 8.07 12.71
C1 MAN B . -14.61 10.02 6.71
C2 MAN B . -13.19 9.99 6.08
C3 MAN B . -12.36 11.19 6.59
C4 MAN B . -13.11 12.51 6.40
C5 MAN B . -14.57 12.43 6.92
C6 MAN B . -15.39 13.67 6.52
O2 MAN B . -13.26 10.20 4.67
O3 MAN B . -11.09 11.30 5.97
O4 MAN B . -12.42 13.54 7.10
O5 MAN B . -15.24 11.25 6.39
O6 MAN B . -15.45 13.76 5.08
C1 MAN B . -13.20 8.97 3.93
C2 MAN B . -12.82 9.37 2.48
C3 MAN B . -13.98 10.14 1.89
C4 MAN B . -15.25 9.24 1.91
C5 MAN B . -15.58 8.86 3.38
C6 MAN B . -16.77 7.88 3.53
O2 MAN B . -12.67 8.24 1.63
O3 MAN B . -13.68 10.59 0.59
O4 MAN B . -16.35 9.94 1.34
O5 MAN B . -14.44 8.23 3.98
O6 MAN B . -17.27 7.99 4.87
C1 NAG C . -5.52 19.85 -29.13
C2 NAG C . -5.91 21.25 -28.66
C3 NAG C . -6.28 22.13 -29.84
C4 NAG C . -5.19 22.08 -30.91
C5 NAG C . -4.84 20.65 -31.25
C6 NAG C . -3.68 20.51 -32.19
C7 NAG C . -6.89 21.45 -26.41
C8 NAG C . -8.14 21.31 -25.59
N2 NAG C . -7.02 21.18 -27.71
O3 NAG C . -6.44 23.46 -29.38
O4 NAG C . -5.67 22.68 -32.11
O5 NAG C . -4.48 19.93 -30.06
O6 NAG C . -3.46 19.15 -32.52
O7 NAG C . -5.82 21.81 -25.91
C1 NAG C . -5.18 23.97 -32.47
C2 NAG C . -5.12 24.00 -34.02
C3 NAG C . -4.92 25.41 -34.54
C4 NAG C . -6.03 26.30 -34.01
C5 NAG C . -5.85 26.36 -32.50
C6 NAG C . -6.85 27.27 -31.83
C7 NAG C . -4.38 22.03 -35.27
C8 NAG C . -3.20 21.23 -35.75
N2 NAG C . -4.09 23.11 -34.53
O3 NAG C . -4.96 25.36 -35.96
O4 NAG C . -6.20 27.56 -34.67
O5 NAG C . -6.04 25.05 -31.97
O6 NAG C . -7.89 26.54 -31.19
O7 NAG C . -5.53 21.71 -35.53
C1 MAN C . -5.12 28.43 -35.06
C2 MAN C . -5.85 29.73 -35.23
C3 MAN C . -6.97 29.46 -36.23
C4 MAN C . -6.42 29.00 -37.60
C5 MAN C . -5.31 27.91 -37.47
C6 MAN C . -4.40 27.81 -38.71
O2 MAN C . -5.03 30.72 -35.84
O3 MAN C . -7.85 30.58 -36.39
O4 MAN C . -7.49 28.48 -38.40
O5 MAN C . -4.45 28.10 -36.27
O6 MAN C . -3.92 26.47 -38.83
ZN ZN D . 9.44 12.04 2.29
ZN ZN E . 11.29 14.43 -1.06
CA CA F . -18.30 0.32 -4.92
NA NA G . -4.86 2.34 -28.47
K K H . -23.63 -7.13 -30.04
S SO4 I . 8.76 15.59 -0.23
O1 SO4 I . 7.78 14.52 0.07
O2 SO4 I . 8.78 15.77 -1.69
O3 SO4 I . 10.12 15.27 0.16
O4 SO4 I . 8.29 16.85 0.39
CL CL J . -2.96 21.81 -4.92
CL CL K . 1.31 15.34 -4.22
C1 EDO L . -8.92 -3.16 -21.76
O1 EDO L . -9.10 -2.55 -20.47
C2 EDO L . -10.09 -2.77 -22.66
O2 EDO L . -11.34 -3.05 -22.04
C1 EDO M . -9.15 -11.30 5.13
O1 EDO M . -8.90 -11.88 3.84
C2 EDO M . -10.36 -12.00 5.73
O2 EDO M . -10.32 -13.39 5.33
C1 EDO N . 16.48 -8.25 18.03
O1 EDO N . 15.20 -8.52 17.44
C2 EDO N . 17.17 -9.57 18.41
O2 EDO N . 16.35 -10.38 19.28
C1 EDO O . -14.31 -16.31 -24.61
O1 EDO O . -14.17 -15.28 -23.64
C2 EDO O . -12.99 -17.06 -24.65
O2 EDO O . -12.36 -16.74 -23.41
C1 EDO P . -0.62 0.27 -19.23
O1 EDO P . 0.61 0.97 -19.42
C2 EDO P . -1.15 -0.09 -20.60
O2 EDO P . -0.01 -0.47 -21.37
C1 EDO Q . 19.77 -8.61 3.10
O1 EDO Q . 18.70 -9.55 2.93
C2 EDO Q . 21.04 -9.17 2.44
O2 EDO Q . 21.37 -10.46 2.98
C1 EDO R . -18.21 -0.39 -16.99
O1 EDO R . -19.37 0.39 -17.32
C2 EDO R . -17.80 -1.07 -18.30
O2 EDO R . -16.86 -0.20 -18.95
C1 EDO S . 3.94 5.96 -18.37
O1 EDO S . 4.10 6.30 -19.78
C2 EDO S . 2.53 5.41 -18.17
O2 EDO S . 2.36 4.87 -16.83
C1 EDO T . -11.81 17.44 -11.66
O1 EDO T . -11.74 17.30 -10.25
C2 EDO T . -10.49 18.04 -12.12
O2 EDO T . -9.93 17.27 -13.20
C1 EDO U . -29.29 -6.66 -10.17
O1 EDO U . -29.29 -5.23 -10.16
C2 EDO U . -28.81 -7.16 -11.53
O2 EDO U . -29.81 -6.88 -12.53
C1 EDO V . -12.96 14.57 2.05
O1 EDO V . -13.77 13.89 3.02
C2 EDO V . -11.51 14.46 2.50
O2 EDO V . -11.25 13.18 3.06
C1 EDO W . 3.53 -15.53 -3.07
O1 EDO W . 3.02 -15.57 -4.40
C2 EDO W . 4.90 -16.19 -3.03
O2 EDO W . 5.72 -15.68 -4.09
C1 EDO X . -19.16 -7.41 3.06
O1 EDO X . -19.79 -6.12 3.06
C2 EDO X . -18.20 -7.49 1.88
O2 EDO X . -18.87 -7.10 0.68
C1 EDO Y . 1.97 16.51 -29.52
O1 EDO Y . 3.32 16.76 -29.07
C2 EDO Y . 1.96 16.43 -31.04
O2 EDO Y . 0.98 15.49 -31.48
C1 EDO Z . 4.11 -15.16 -8.47
O1 EDO Z . 3.85 -15.40 -7.08
C2 EDO Z . 3.66 -16.36 -9.27
O2 EDO Z . 4.35 -16.33 -10.53
C1 EDO AA . 1.95 -14.30 -14.03
O1 EDO AA . 2.14 -13.97 -12.65
C2 EDO AA . 2.05 -15.80 -14.15
O2 EDO AA . 0.91 -16.40 -13.52
C1 EDO BA . -2.58 -25.65 0.39
O1 EDO BA . -3.27 -26.67 1.10
C2 EDO BA . -1.57 -26.27 -0.57
O2 EDO BA . -0.49 -26.81 0.19
N EAR CA . 6.76 14.90 9.51
CA EAR CA . 6.04 14.65 8.23
C EAR CA . 4.54 14.61 8.49
O EAR CA . 4.05 15.29 9.38
CAA EAR CA . 1.88 13.11 9.17
CAB EAR CA . 7.58 17.10 8.62
CAF EAR CA . 5.55 9.00 13.41
CAG EAR CA . 4.14 9.21 11.47
CAH EAR CA . 6.13 10.24 13.14
CAI EAR CA . 4.74 10.44 11.19
CAJ EAR CA . 8.15 16.24 10.93
CAK EAR CA . 7.06 12.98 12.41
CAL EAR CA . 2.33 13.85 7.90
CAQ EAR CA . 4.56 8.50 12.59
CAR EAR CA . 7.51 16.05 9.72
CAS EAR CA . 5.71 10.97 12.02
CAT EAR CA . 6.24 12.22 11.70
CAU EAR CA . 8.07 15.25 11.93
CAV EAR CA . 6.67 13.94 10.50
NAN EAR CA . 6.06 12.79 10.52
NAX EAR CA . 7.33 14.09 11.70
OAD EAR CA . 8.66 15.41 13.00
OAO EAR CA . 3.76 13.90 7.64
CL EAR CA . 3.84 6.96 12.96
#